data_9C7J
#
_entry.id   9C7J
#
_cell.length_a   68.648
_cell.length_b   89.606
_cell.length_c   114.814
_cell.angle_alpha   90.00
_cell.angle_beta   90.71
_cell.angle_gamma   90.00
#
_symmetry.space_group_name_H-M   'P 1 21 1'
#
loop_
_entity.id
_entity.type
_entity.pdbx_description
1 polymer '(+)-caryolan-1-ol synthase'
2 non-polymer '(2Z,6E)-2-fluoro-3,7,11-trimethyldodeca-2,6,10-trien-1-yl trihydrogen diphosphate'
3 non-polymer 'PHOSPHATE ION'
4 non-polymer 'MAGNESIUM ION'
5 non-polymer DIPHOSPHATE
6 water water
#
_entity_poly.entity_id   1
_entity_poly.type   'polypeptide(L)'
_entity_poly.pdbx_seq_one_letter_code
;MGHHHHHHENLYFQGSQITLPAFHMPFQSAGCHPGLAETREAAWEWAAAEGLDLSVPARRKMIRTRPELWISLIFPQATQ
AHLDLFCQWLFWAFLVDDEFDDGPAGRDPLMCERAIARLVDVFDGAAPNGPMERALAGLRDRTCRGRSPQWNRQFRRDTA
AWLWTYYAEAVERAAGQVPSRAEFAKHRRDSVAMQPFLCLHEITAGIDLPDSARSLPAYIALRNAVTDHSGLCNDICSFE
KEAALGYEHNAVRLIQRDRGSTLQEAVDEAGIQLARIAERVQRAERELIEEIEAAGIDGPTRTALERCVRDYRGLVRGDF
DYHARAERYTRPDLVELDERDSLSRHFAA
;
_entity_poly.pdbx_strand_id   A,B,C,D
#
# COMPACT_ATOMS: atom_id res chain seq x y z
N ILE A 18 -3.10 -3.41 29.18
CA ILE A 18 -2.64 -3.82 27.84
C ILE A 18 -2.19 -5.27 27.88
N THR A 19 -2.69 -6.05 26.91
CA THR A 19 -2.37 -7.47 26.80
C THR A 19 -1.47 -7.72 25.61
N LEU A 20 -0.72 -8.81 25.67
CA LEU A 20 0.08 -9.22 24.52
C LEU A 20 -0.81 -9.97 23.53
N PRO A 21 -0.69 -9.67 22.24
CA PRO A 21 -1.61 -10.24 21.25
C PRO A 21 -1.32 -11.71 21.01
N ALA A 22 -2.19 -12.33 20.22
CA ALA A 22 -1.98 -13.70 19.78
C ALA A 22 -0.76 -13.76 18.87
N PHE A 23 0.22 -14.58 19.23
CA PHE A 23 1.45 -14.70 18.47
C PHE A 23 1.39 -15.93 17.58
N HIS A 24 1.63 -15.73 16.29
CA HIS A 24 1.72 -16.83 15.32
C HIS A 24 3.17 -17.29 15.27
N MET A 25 3.49 -18.30 16.07
CA MET A 25 4.85 -18.83 16.17
C MET A 25 4.84 -20.28 15.71
N PRO A 26 5.02 -20.54 14.41
CA PRO A 26 5.08 -21.92 13.93
C PRO A 26 6.45 -22.56 14.04
N PHE A 27 7.46 -21.81 14.50
CA PHE A 27 8.82 -22.31 14.56
C PHE A 27 9.08 -23.01 15.88
N GLN A 28 9.69 -24.19 15.81
CA GLN A 28 9.95 -24.99 17.00
C GLN A 28 11.17 -24.45 17.74
N SER A 29 11.21 -24.74 19.04
CA SER A 29 12.31 -24.26 19.88
C SER A 29 13.53 -25.15 19.71
N ALA A 30 14.69 -24.51 19.54
CA ALA A 30 15.96 -25.23 19.49
C ALA A 30 16.51 -25.52 20.88
N GLY A 31 15.82 -25.12 21.93
CA GLY A 31 16.27 -25.34 23.29
C GLY A 31 17.06 -24.17 23.84
N CYS A 32 17.39 -24.30 25.12
CA CYS A 32 18.19 -23.31 25.83
C CYS A 32 19.55 -23.91 26.18
N HIS A 33 20.61 -23.14 25.96
CA HIS A 33 21.95 -23.64 26.16
C HIS A 33 22.15 -24.02 27.63
N PRO A 34 22.64 -25.23 27.93
CA PRO A 34 22.79 -25.65 29.33
C PRO A 34 23.91 -24.94 30.08
N GLY A 35 24.72 -24.13 29.40
CA GLY A 35 25.77 -23.38 30.06
C GLY A 35 25.42 -21.94 30.28
N LEU A 36 24.14 -21.67 30.55
CA LEU A 36 23.67 -20.31 30.75
C LEU A 36 24.31 -19.67 31.98
N ALA A 37 24.38 -20.41 33.09
CA ALA A 37 24.95 -19.84 34.30
C ALA A 37 26.45 -19.60 34.16
N GLU A 38 27.14 -20.47 33.43
CA GLU A 38 28.58 -20.30 33.25
C GLU A 38 28.88 -19.03 32.44
N THR A 39 28.19 -18.85 31.31
CA THR A 39 28.49 -17.71 30.45
C THR A 39 28.09 -16.39 31.09
N ARG A 40 27.20 -16.41 32.08
CA ARG A 40 26.91 -15.19 32.83
C ARG A 40 28.05 -14.83 33.77
N GLU A 41 28.63 -15.84 34.43
CA GLU A 41 29.78 -15.60 35.30
C GLU A 41 30.99 -15.13 34.50
N ALA A 42 31.22 -15.75 33.34
CA ALA A 42 32.33 -15.32 32.50
C ALA A 42 32.14 -13.91 31.98
N ALA A 43 30.90 -13.53 31.69
CA ALA A 43 30.63 -12.19 31.16
C ALA A 43 30.92 -11.12 32.21
N TRP A 44 30.46 -11.33 33.44
CA TRP A 44 30.72 -10.33 34.49
C TRP A 44 32.18 -10.33 34.90
N GLU A 45 32.84 -11.49 34.90
CA GLU A 45 34.27 -11.53 35.18
C GLU A 45 35.06 -10.86 34.06
N TRP A 46 34.63 -11.04 32.82
CA TRP A 46 35.27 -10.34 31.71
C TRP A 46 35.12 -8.84 31.86
N ALA A 47 33.93 -8.37 32.25
CA ALA A 47 33.72 -6.94 32.44
C ALA A 47 34.62 -6.39 33.54
N ALA A 48 34.74 -7.12 34.65
CA ALA A 48 35.64 -6.68 35.72
C ALA A 48 37.10 -6.74 35.29
N ALA A 49 37.45 -7.74 34.48
CA ALA A 49 38.83 -7.83 33.99
C ALA A 49 39.16 -6.68 33.04
N GLU A 50 38.20 -6.28 32.22
CA GLU A 50 38.40 -5.20 31.26
C GLU A 50 38.28 -3.82 31.88
N GLY A 51 37.98 -3.73 33.18
CA GLY A 51 37.81 -2.45 33.82
C GLY A 51 36.50 -1.76 33.50
N LEU A 52 35.47 -2.50 33.11
CA LEU A 52 34.15 -1.92 32.84
C LEU A 52 33.41 -1.79 34.16
N ASP A 53 33.60 -0.64 34.81
CA ASP A 53 32.99 -0.36 36.10
C ASP A 53 31.58 0.16 35.86
N LEU A 54 30.61 -0.74 35.87
CA LEU A 54 29.22 -0.36 35.69
C LEU A 54 28.70 0.36 36.93
N SER A 55 27.87 1.38 36.70
CA SER A 55 27.23 2.06 37.80
C SER A 55 26.11 1.19 38.38
N VAL A 56 25.59 1.61 39.53
CA VAL A 56 24.51 0.86 40.17
C VAL A 56 23.26 0.80 39.30
N PRO A 57 22.78 1.89 38.69
CA PRO A 57 21.66 1.75 37.76
C PRO A 57 21.99 0.90 36.54
N ALA A 58 23.23 0.96 36.06
CA ALA A 58 23.60 0.16 34.89
C ALA A 58 23.69 -1.32 35.24
N ARG A 59 24.20 -1.65 36.42
CA ARG A 59 24.30 -3.05 36.82
C ARG A 59 22.92 -3.67 36.99
N ARG A 60 22.02 -2.96 37.68
CA ARG A 60 20.67 -3.47 37.87
C ARG A 60 19.96 -3.67 36.54
N LYS A 61 20.21 -2.77 35.57
CA LYS A 61 19.63 -2.94 34.24
C LYS A 61 20.20 -4.18 33.55
N MET A 62 21.52 -4.39 33.66
CA MET A 62 22.14 -5.52 33.00
C MET A 62 21.66 -6.85 33.59
N ILE A 63 21.58 -6.93 34.92
CA ILE A 63 21.05 -8.13 35.55
C ILE A 63 19.59 -8.35 35.14
N ARG A 64 18.79 -7.29 35.13
CA ARG A 64 17.40 -7.41 34.72
C ARG A 64 17.29 -7.78 33.25
N THR A 65 18.17 -7.21 32.41
CA THR A 65 18.15 -7.52 30.98
C THR A 65 18.45 -8.99 30.72
N ARG A 66 19.32 -9.60 31.53
CA ARG A 66 19.72 -10.99 31.39
C ARG A 66 20.28 -11.25 30.00
N PRO A 67 21.47 -10.73 29.68
CA PRO A 67 22.05 -11.01 28.36
C PRO A 67 22.43 -12.46 28.17
N GLU A 68 22.69 -13.19 29.26
CA GLU A 68 23.03 -14.61 29.13
C GLU A 68 21.84 -15.44 28.67
N LEU A 69 20.62 -15.00 28.97
CA LEU A 69 19.44 -15.73 28.52
C LEU A 69 19.23 -15.55 27.01
N TRP A 70 19.42 -14.34 26.51
CA TRP A 70 19.26 -14.10 25.08
C TRP A 70 20.32 -14.86 24.28
N ILE A 71 21.58 -14.78 24.70
CA ILE A 71 22.65 -15.44 23.98
C ILE A 71 22.56 -16.95 24.08
N SER A 72 21.87 -17.48 25.10
CA SER A 72 21.74 -18.94 25.21
C SER A 72 20.56 -19.45 24.39
N LEU A 73 19.55 -18.61 24.15
CA LEU A 73 18.44 -19.02 23.31
C LEU A 73 18.76 -18.90 21.83
N ILE A 74 19.65 -17.97 21.46
CA ILE A 74 20.01 -17.81 20.05
C ILE A 74 21.00 -18.88 19.62
N PHE A 75 21.97 -19.21 20.47
CA PHE A 75 23.01 -20.20 20.16
C PHE A 75 22.98 -21.32 21.19
N PRO A 76 21.94 -22.17 21.15
CA PRO A 76 21.80 -23.21 22.18
C PRO A 76 22.75 -24.37 22.03
N GLN A 77 23.39 -24.54 20.87
CA GLN A 77 24.27 -25.66 20.62
C GLN A 77 25.74 -25.25 20.48
N ALA A 78 26.04 -23.97 20.72
CA ALA A 78 27.40 -23.49 20.54
C ALA A 78 28.32 -24.04 21.62
N THR A 79 29.62 -23.98 21.33
CA THR A 79 30.62 -24.33 22.33
C THR A 79 30.62 -23.30 23.45
N GLN A 80 31.06 -23.74 24.64
CA GLN A 80 31.11 -22.82 25.77
C GLN A 80 32.02 -21.64 25.50
N ALA A 81 33.10 -21.84 24.74
CA ALA A 81 33.98 -20.74 24.37
C ALA A 81 33.26 -19.73 23.49
N HIS A 82 32.55 -20.22 22.46
CA HIS A 82 31.81 -19.32 21.58
C HIS A 82 30.68 -18.64 22.33
N LEU A 83 30.02 -19.34 23.25
CA LEU A 83 28.94 -18.73 24.02
C LEU A 83 29.46 -17.60 24.89
N ASP A 84 30.65 -17.77 25.47
CA ASP A 84 31.22 -16.72 26.31
C ASP A 84 31.59 -15.51 25.47
N LEU A 85 32.22 -15.72 24.32
CA LEU A 85 32.60 -14.61 23.46
C LEU A 85 31.38 -13.88 22.92
N PHE A 86 30.34 -14.62 22.53
CA PHE A 86 29.14 -13.98 22.01
C PHE A 86 28.41 -13.20 23.11
N CYS A 87 28.37 -13.75 24.32
CA CYS A 87 27.69 -13.07 25.42
C CYS A 87 28.41 -11.79 25.81
N GLN A 88 29.75 -11.78 25.71
CA GLN A 88 30.50 -10.56 26.01
C GLN A 88 30.32 -9.50 24.93
N TRP A 89 30.15 -9.92 23.67
CA TRP A 89 29.77 -8.98 22.63
C TRP A 89 28.43 -8.32 22.96
N LEU A 90 27.47 -9.11 23.44
CA LEU A 90 26.16 -8.55 23.79
C LEU A 90 26.24 -7.71 25.05
N PHE A 91 27.01 -8.17 26.04
CA PHE A 91 27.24 -7.37 27.25
C PHE A 91 27.82 -6.01 26.90
N TRP A 92 28.85 -5.99 26.05
CA TRP A 92 29.47 -4.73 25.64
C TRP A 92 28.49 -3.88 24.85
N ALA A 93 27.67 -4.51 24.01
CA ALA A 93 26.73 -3.75 23.18
C ALA A 93 25.67 -3.06 24.02
N PHE A 94 25.24 -3.70 25.12
CA PHE A 94 24.27 -3.07 26.01
C PHE A 94 24.87 -1.83 26.67
N LEU A 95 26.15 -1.89 27.04
CA LEU A 95 26.81 -0.71 27.60
C LEU A 95 26.93 0.40 26.57
N VAL A 96 27.12 0.04 25.29
CA VAL A 96 27.14 1.05 24.23
C VAL A 96 25.78 1.70 24.09
N ASP A 97 24.71 0.89 24.12
CA ASP A 97 23.37 1.44 24.02
C ASP A 97 23.03 2.32 25.23
N ASP A 98 23.60 2.00 26.40
CA ASP A 98 23.30 2.78 27.59
C ASP A 98 23.80 4.22 27.47
N GLU A 99 24.97 4.42 26.85
CA GLU A 99 25.57 5.74 26.79
C GLU A 99 25.19 6.52 25.53
N PHE A 100 24.50 5.90 24.57
CA PHE A 100 24.11 6.58 23.35
C PHE A 100 22.61 6.73 23.16
N ASP A 101 21.79 6.08 23.99
CA ASP A 101 20.34 6.26 23.96
C ASP A 101 19.83 7.13 25.09
N ASP A 102 20.35 6.93 26.31
CA ASP A 102 19.95 7.72 27.47
C ASP A 102 21.18 8.30 28.17
N GLY A 103 22.23 8.59 27.41
CA GLY A 103 23.45 9.14 27.96
C GLY A 103 23.70 10.55 27.49
N PRO A 104 24.80 11.15 27.97
CA PRO A 104 25.11 12.52 27.56
C PRO A 104 25.44 12.66 26.09
N ALA A 105 25.93 11.60 25.44
CA ALA A 105 26.24 11.66 24.02
C ALA A 105 25.03 11.35 23.14
N GLY A 106 23.95 10.84 23.71
CA GLY A 106 22.79 10.49 22.90
C GLY A 106 22.02 11.69 22.39
N ARG A 107 22.13 12.83 23.09
CA ARG A 107 21.44 14.04 22.67
C ARG A 107 22.24 14.80 21.62
N ASP A 108 23.46 15.18 21.96
CA ASP A 108 24.29 16.00 21.07
C ASP A 108 24.81 15.19 19.90
N PRO A 109 24.46 15.53 18.65
CA PRO A 109 25.04 14.81 17.52
C PRO A 109 26.53 15.03 17.36
N LEU A 110 27.08 16.12 17.90
CA LEU A 110 28.51 16.38 17.76
C LEU A 110 29.33 15.42 18.59
N MET A 111 28.96 15.24 19.86
CA MET A 111 29.65 14.25 20.69
C MET A 111 29.36 12.83 20.24
N CYS A 112 28.14 12.58 19.75
CA CYS A 112 27.79 11.25 19.26
C CYS A 112 28.63 10.88 18.04
N GLU A 113 28.89 11.86 17.16
CA GLU A 113 29.70 11.60 15.98
C GLU A 113 31.14 11.24 16.36
N ARG A 114 31.71 11.97 17.32
CA ARG A 114 33.09 11.71 17.71
C ARG A 114 33.21 10.38 18.44
N ALA A 115 32.22 10.04 19.27
CA ALA A 115 32.33 8.82 20.07
C ALA A 115 32.12 7.57 19.21
N ILE A 116 31.19 7.62 18.26
CA ILE A 116 30.96 6.47 17.39
C ILE A 116 32.12 6.29 16.43
N ALA A 117 32.66 7.40 15.90
CA ALA A 117 33.79 7.31 14.97
C ALA A 117 35.01 6.70 15.65
N ARG A 118 35.16 6.91 16.96
CA ARG A 118 36.27 6.29 17.66
C ARG A 118 36.09 4.78 17.77
N LEU A 119 34.86 4.33 18.00
CA LEU A 119 34.61 2.89 18.14
C LEU A 119 34.85 2.16 16.83
N VAL A 120 34.31 2.70 15.72
CA VAL A 120 34.52 2.06 14.43
C VAL A 120 35.99 2.10 14.02
N ASP A 121 36.74 3.07 14.55
CA ASP A 121 38.18 3.08 14.29
C ASP A 121 38.89 1.99 15.09
N VAL A 122 38.53 1.82 16.36
CA VAL A 122 39.09 0.73 17.16
C VAL A 122 38.71 -0.61 16.55
N PHE A 123 37.48 -0.72 16.03
CA PHE A 123 37.06 -1.95 15.35
C PHE A 123 37.89 -2.22 14.10
N ASP A 124 38.50 -1.20 13.52
CA ASP A 124 39.37 -1.37 12.35
C ASP A 124 40.84 -1.46 12.73
N GLY A 125 41.16 -1.52 14.02
CA GLY A 125 42.52 -1.73 14.47
C GLY A 125 43.19 -0.53 15.11
N ALA A 126 42.48 0.58 15.29
CA ALA A 126 43.07 1.75 15.92
C ALA A 126 43.41 1.46 17.38
N ALA A 127 44.38 2.20 17.91
CA ALA A 127 44.81 2.01 19.28
C ALA A 127 43.64 2.31 20.23
N PRO A 128 43.28 1.39 21.11
CA PRO A 128 42.16 1.64 22.02
C PRO A 128 42.52 2.67 23.09
N ASN A 129 41.47 3.27 23.65
CA ASN A 129 41.63 4.29 24.69
C ASN A 129 40.42 4.21 25.61
N GLY A 130 40.64 3.79 26.85
CA GLY A 130 39.56 3.67 27.81
C GLY A 130 39.06 2.24 27.92
N PRO A 131 38.30 1.95 28.98
CA PRO A 131 37.82 0.57 29.18
C PRO A 131 36.92 0.08 28.06
N MET A 132 36.04 0.93 27.53
CA MET A 132 35.12 0.50 26.48
C MET A 132 35.85 0.20 25.18
N GLU A 133 36.87 1.00 24.85
CA GLU A 133 37.60 0.77 23.60
C GLU A 133 38.53 -0.44 23.70
N ARG A 134 39.13 -0.64 24.87
CA ARG A 134 39.98 -1.83 25.07
C ARG A 134 39.16 -3.10 24.96
N ALA A 135 37.94 -3.10 25.52
CA ALA A 135 37.09 -4.28 25.42
C ALA A 135 36.70 -4.55 23.98
N LEU A 136 36.40 -3.51 23.21
CA LEU A 136 36.06 -3.69 21.80
C LEU A 136 37.24 -4.26 21.02
N ALA A 137 38.45 -3.80 21.34
CA ALA A 137 39.64 -4.31 20.65
C ALA A 137 39.88 -5.78 20.97
N GLY A 138 39.73 -6.16 22.24
CA GLY A 138 39.88 -7.56 22.60
C GLY A 138 38.80 -8.44 22.01
N LEU A 139 37.56 -7.94 21.99
CA LEU A 139 36.47 -8.69 21.37
C LEU A 139 36.71 -8.84 19.86
N ARG A 140 37.24 -7.80 19.23
CA ARG A 140 37.50 -7.85 17.79
C ARG A 140 38.58 -8.87 17.45
N ASP A 141 39.70 -8.83 18.19
CA ASP A 141 40.81 -9.72 17.89
C ASP A 141 40.46 -11.17 18.16
N ARG A 142 39.64 -11.43 19.19
CA ARG A 142 39.19 -12.80 19.43
C ARG A 142 38.25 -13.29 18.35
N THR A 143 37.46 -12.39 17.76
CA THR A 143 36.41 -12.79 16.85
C THR A 143 36.83 -12.74 15.39
N CYS A 144 37.66 -11.76 15.02
CA CYS A 144 37.97 -11.49 13.62
C CYS A 144 39.27 -12.12 13.15
N ARG A 145 40.30 -12.18 14.00
CA ARG A 145 41.60 -12.64 13.56
C ARG A 145 41.55 -14.09 13.06
N GLY A 146 41.98 -14.29 11.82
CA GLY A 146 42.04 -15.61 11.23
C GLY A 146 40.88 -15.97 10.33
N ARG A 147 39.82 -15.15 10.32
CA ARG A 147 38.65 -15.46 9.51
C ARG A 147 38.77 -14.83 8.13
N SER A 148 37.99 -15.36 7.19
CA SER A 148 38.13 -14.99 5.79
C SER A 148 37.80 -13.51 5.59
N PRO A 149 38.38 -12.89 4.55
CA PRO A 149 37.99 -11.51 4.22
C PRO A 149 36.51 -11.36 3.90
N GLN A 150 35.88 -12.42 3.37
CA GLN A 150 34.44 -12.35 3.10
C GLN A 150 33.64 -12.24 4.39
N TRP A 151 34.02 -13.01 5.42
CA TRP A 151 33.31 -12.94 6.68
C TRP A 151 33.54 -11.60 7.38
N ASN A 152 34.79 -11.12 7.38
CA ASN A 152 35.09 -9.87 8.05
C ASN A 152 34.41 -8.69 7.37
N ARG A 153 34.34 -8.72 6.03
CA ARG A 153 33.68 -7.65 5.31
C ARG A 153 32.20 -7.56 5.66
N GLN A 154 31.53 -8.70 5.74
CA GLN A 154 30.12 -8.72 6.15
C GLN A 154 29.98 -8.40 7.62
N PHE A 155 30.93 -8.85 8.46
CA PHE A 155 30.82 -8.60 9.89
C PHE A 155 31.04 -7.12 10.21
N ARG A 156 32.03 -6.49 9.56
CA ARG A 156 32.23 -5.06 9.78
C ARG A 156 31.03 -4.25 9.29
N ARG A 157 30.42 -4.67 8.18
CA ARG A 157 29.30 -3.92 7.62
C ARG A 157 28.12 -3.89 8.58
N ASP A 158 27.77 -5.05 9.16
CA ASP A 158 26.66 -5.12 10.09
C ASP A 158 27.00 -4.43 11.41
N THR A 159 28.25 -4.54 11.85
CA THR A 159 28.63 -3.92 13.12
C THR A 159 28.77 -2.41 13.00
N ALA A 160 29.38 -1.93 11.90
CA ALA A 160 29.51 -0.49 11.72
C ALA A 160 28.14 0.15 11.47
N ALA A 161 27.25 -0.54 10.76
CA ALA A 161 25.91 0.00 10.53
C ALA A 161 25.14 0.13 11.83
N TRP A 162 25.33 -0.81 12.76
CA TRP A 162 24.67 -0.69 14.05
C TRP A 162 25.24 0.49 14.85
N LEU A 163 26.56 0.65 14.85
CA LEU A 163 27.17 1.74 15.59
C LEU A 163 26.74 3.09 15.02
N TRP A 164 26.65 3.20 13.70
CA TRP A 164 26.27 4.46 13.08
C TRP A 164 24.79 4.75 13.19
N THR A 165 23.96 3.79 13.60
CA THR A 165 22.54 4.08 13.75
C THR A 165 22.29 4.98 14.96
N TYR A 166 23.19 4.96 15.95
CA TYR A 166 23.07 5.89 17.06
C TYR A 166 23.26 7.33 16.60
N TYR A 167 24.17 7.54 15.63
CA TYR A 167 24.35 8.87 15.08
C TYR A 167 23.15 9.29 14.23
N ALA A 168 22.55 8.34 13.50
CA ALA A 168 21.40 8.66 12.68
C ALA A 168 20.18 9.00 13.54
N GLU A 169 19.97 8.27 14.64
CA GLU A 169 18.88 8.59 15.56
C GLU A 169 19.09 9.95 16.21
N ALA A 170 20.35 10.33 16.49
CA ALA A 170 20.61 11.61 17.13
C ALA A 170 20.37 12.77 16.16
N VAL A 171 20.84 12.64 14.92
CA VAL A 171 20.64 13.70 13.94
C VAL A 171 19.17 13.83 13.58
N GLU A 172 18.48 12.70 13.43
CA GLU A 172 17.05 12.74 13.14
C GLU A 172 16.27 13.29 14.32
N ARG A 173 16.73 13.06 15.54
CA ARG A 173 16.09 13.64 16.72
C ARG A 173 16.32 15.13 16.78
N ALA A 174 17.55 15.57 16.49
CA ALA A 174 17.86 17.00 16.54
C ALA A 174 17.12 17.77 15.46
N ALA A 175 16.83 17.14 14.33
CA ALA A 175 16.14 17.80 13.22
C ALA A 175 14.63 17.75 13.33
N GLY A 176 14.10 17.14 14.39
CA GLY A 176 12.66 17.01 14.54
C GLY A 176 12.04 16.14 13.46
N GLN A 177 12.88 15.43 12.73
CA GLN A 177 12.41 14.55 11.65
C GLN A 177 11.95 13.23 12.25
N VAL A 178 10.69 12.88 12.00
CA VAL A 178 10.16 11.59 12.43
C VAL A 178 10.37 10.59 11.31
N PRO A 179 10.71 9.34 11.62
CA PRO A 179 11.01 8.38 10.55
C PRO A 179 9.76 7.94 9.81
N SER A 180 9.96 7.53 8.56
CA SER A 180 8.88 6.95 7.78
C SER A 180 8.52 5.57 8.33
N ARG A 181 7.44 5.00 7.79
CA ARG A 181 7.08 3.63 8.16
C ARG A 181 8.08 2.64 7.61
N ALA A 182 8.41 2.76 6.32
CA ALA A 182 9.37 1.84 5.72
C ALA A 182 10.79 2.15 6.15
N GLU A 183 11.15 3.43 6.22
CA GLU A 183 12.51 3.80 6.62
C GLU A 183 12.82 3.37 8.04
N PHE A 184 11.82 3.38 8.92
CA PHE A 184 12.03 2.87 10.28
C PHE A 184 12.27 1.37 10.27
N ALA A 185 11.53 0.63 9.44
CA ALA A 185 11.75 -0.80 9.34
C ALA A 185 13.11 -1.11 8.74
N LYS A 186 13.61 -0.25 7.85
CA LYS A 186 14.95 -0.45 7.30
C LYS A 186 16.03 0.11 8.22
N HIS A 187 15.69 1.11 9.03
CA HIS A 187 16.56 1.50 10.12
C HIS A 187 16.63 0.41 11.18
N ARG A 188 15.48 -0.18 11.51
CA ARG A 188 15.41 -1.17 12.58
C ARG A 188 16.27 -2.39 12.29
N ARG A 189 16.49 -2.71 11.02
CA ARG A 189 17.33 -3.85 10.67
C ARG A 189 18.74 -3.66 11.17
N ASP A 190 19.35 -2.52 10.83
CA ASP A 190 20.72 -2.24 11.24
C ASP A 190 20.83 -1.90 12.73
N SER A 191 19.74 -1.48 13.37
CA SER A 191 19.77 -1.12 14.78
C SER A 191 19.48 -2.29 15.70
N VAL A 192 18.96 -3.40 15.18
CA VAL A 192 18.64 -4.57 16.01
C VAL A 192 19.91 -5.40 16.18
N ALA A 193 19.89 -6.33 17.13
CA ALA A 193 21.03 -7.19 17.39
C ALA A 193 21.13 -8.38 16.45
N MET A 194 20.11 -8.62 15.62
CA MET A 194 20.05 -9.88 14.88
C MET A 194 21.10 -9.95 13.79
N GLN A 195 21.39 -8.84 13.11
CA GLN A 195 22.33 -8.88 11.99
C GLN A 195 23.74 -9.24 12.43
N PRO A 196 24.33 -8.62 13.46
CA PRO A 196 25.62 -9.12 13.94
C PRO A 196 25.55 -10.54 14.47
N PHE A 197 24.42 -10.94 15.06
CA PHE A 197 24.27 -12.32 15.53
C PHE A 197 24.35 -13.31 14.37
N LEU A 198 23.73 -12.97 13.24
CA LEU A 198 23.81 -13.84 12.07
C LEU A 198 25.25 -14.01 11.62
N CYS A 199 26.10 -13.00 11.83
CA CYS A 199 27.52 -13.17 11.54
C CYS A 199 28.18 -14.10 12.55
N LEU A 200 27.81 -13.98 13.82
CA LEU A 200 28.33 -14.89 14.84
C LEU A 200 27.80 -16.29 14.65
N HIS A 201 26.61 -16.44 14.05
CA HIS A 201 26.08 -17.76 13.78
C HIS A 201 26.96 -18.53 12.80
N GLU A 202 27.59 -17.83 11.85
CA GLU A 202 28.50 -18.50 10.93
C GLU A 202 29.71 -19.07 11.65
N ILE A 203 30.10 -18.45 12.77
CA ILE A 203 31.22 -18.96 13.54
C ILE A 203 30.86 -20.28 14.22
N THR A 204 29.77 -20.27 15.00
CA THR A 204 29.42 -21.46 15.78
C THR A 204 28.93 -22.60 14.89
N ALA A 205 28.31 -22.28 13.75
CA ALA A 205 27.84 -23.34 12.85
C ALA A 205 28.95 -23.89 11.97
N GLY A 206 30.14 -23.33 12.04
CA GLY A 206 31.26 -23.83 11.25
C GLY A 206 31.11 -23.65 9.76
N ILE A 207 30.40 -22.61 9.33
CA ILE A 207 30.18 -22.35 7.92
C ILE A 207 30.78 -21.00 7.56
N ASP A 208 31.00 -20.81 6.25
CA ASP A 208 31.45 -19.53 5.72
C ASP A 208 30.78 -19.34 4.37
N LEU A 209 30.02 -18.26 4.24
CA LEU A 209 29.25 -18.06 3.02
C LEU A 209 30.05 -17.24 2.02
N PRO A 210 30.22 -17.71 0.79
CA PRO A 210 30.84 -16.88 -0.24
C PRO A 210 29.91 -15.75 -0.66
N ASP A 211 30.48 -14.74 -1.32
CA ASP A 211 29.69 -13.59 -1.75
C ASP A 211 28.59 -13.99 -2.71
N SER A 212 28.81 -15.05 -3.50
CA SER A 212 27.77 -15.53 -4.41
C SER A 212 26.54 -15.99 -3.64
N ALA A 213 26.75 -16.71 -2.53
CA ALA A 213 25.62 -17.18 -1.73
C ALA A 213 24.93 -16.02 -1.03
N ARG A 214 25.69 -15.03 -0.56
CA ARG A 214 25.10 -13.85 0.07
C ARG A 214 24.24 -13.05 -0.88
N SER A 215 24.46 -13.18 -2.20
CA SER A 215 23.72 -12.43 -3.19
C SER A 215 22.47 -13.17 -3.68
N LEU A 216 22.17 -14.34 -3.13
CA LEU A 216 20.96 -15.05 -3.49
C LEU A 216 19.74 -14.26 -3.04
N PRO A 217 18.76 -14.02 -3.92
CA PRO A 217 17.58 -13.25 -3.49
C PRO A 217 16.84 -13.86 -2.30
N ALA A 218 16.67 -15.17 -2.30
CA ALA A 218 15.90 -15.81 -1.23
C ALA A 218 16.68 -15.81 0.08
N TYR A 219 18.01 -15.87 0.04
CA TYR A 219 18.78 -15.80 1.27
C TYR A 219 18.74 -14.38 1.85
N ILE A 220 18.80 -13.36 0.99
CA ILE A 220 18.65 -11.99 1.46
C ILE A 220 17.28 -11.79 2.08
N ALA A 221 16.24 -12.32 1.45
CA ALA A 221 14.89 -12.22 2.01
C ALA A 221 14.78 -12.99 3.32
N LEU A 222 15.50 -14.10 3.44
CA LEU A 222 15.46 -14.88 4.68
C LEU A 222 16.21 -14.18 5.80
N ARG A 223 17.39 -13.62 5.49
CA ARG A 223 18.17 -12.93 6.51
C ARG A 223 17.45 -11.70 7.02
N ASN A 224 16.81 -10.93 6.11
CA ASN A 224 16.06 -9.76 6.53
C ASN A 224 14.83 -10.16 7.34
N ALA A 225 14.18 -11.26 6.98
CA ALA A 225 12.99 -11.68 7.70
C ALA A 225 13.31 -12.08 9.14
N VAL A 226 14.39 -12.84 9.34
CA VAL A 226 14.85 -13.16 10.68
C VAL A 226 15.19 -11.89 11.45
N THR A 227 15.72 -10.89 10.75
CA THR A 227 16.07 -9.62 11.39
C THR A 227 14.83 -8.78 11.68
N ASP A 228 13.91 -8.68 10.70
CA ASP A 228 12.68 -7.91 10.91
C ASP A 228 11.86 -8.47 12.07
N HIS A 229 11.78 -9.80 12.16
CA HIS A 229 10.98 -10.42 13.22
C HIS A 229 11.53 -10.05 14.59
N SER A 230 12.85 -10.08 14.76
CA SER A 230 13.44 -9.74 16.06
C SER A 230 13.20 -8.29 16.42
N GLY A 231 13.33 -7.38 15.44
CA GLY A 231 13.16 -5.97 15.74
C GLY A 231 11.74 -5.61 16.14
N LEU A 232 10.75 -6.16 15.41
CA LEU A 232 9.36 -5.89 15.75
C LEU A 232 8.96 -6.57 17.05
N CYS A 233 9.41 -7.81 17.26
CA CYS A 233 9.11 -8.51 18.50
C CYS A 233 9.70 -7.78 19.71
N ASN A 234 10.88 -7.17 19.53
CA ASN A 234 11.46 -6.38 20.61
C ASN A 234 10.62 -5.13 20.88
N ASP A 235 10.11 -4.49 19.84
CA ASP A 235 9.31 -3.27 20.02
C ASP A 235 7.95 -3.59 20.60
N ILE A 236 7.36 -4.73 20.26
CA ILE A 236 6.07 -5.12 20.82
C ILE A 236 6.21 -5.36 22.33
N CYS A 237 7.24 -6.11 22.72
CA CYS A 237 7.50 -6.38 24.12
C CYS A 237 8.13 -5.19 24.86
N SER A 238 8.09 -4.00 24.26
CA SER A 238 8.62 -2.79 24.89
C SER A 238 7.75 -1.58 24.58
N PHE A 239 6.47 -1.80 24.29
CA PHE A 239 5.56 -0.71 23.97
C PHE A 239 5.18 0.08 25.23
N GLU A 248 8.17 7.45 20.41
CA GLU A 248 9.60 7.36 20.18
C GLU A 248 9.90 6.56 18.91
N HIS A 249 11.07 5.94 18.88
CA HIS A 249 11.47 5.10 17.75
C HIS A 249 11.06 3.65 17.99
N ASN A 250 9.76 3.48 18.23
CA ASN A 250 9.14 2.19 18.49
C ASN A 250 8.14 1.89 17.39
N ALA A 251 8.13 0.63 16.94
CA ALA A 251 7.26 0.26 15.83
C ALA A 251 5.79 0.33 16.22
N VAL A 252 5.46 -0.03 17.46
CA VAL A 252 4.07 0.03 17.90
C VAL A 252 3.60 1.48 17.99
N ARG A 253 4.49 2.38 18.44
CA ARG A 253 4.13 3.80 18.51
C ARG A 253 3.90 4.38 17.12
N LEU A 254 4.70 3.95 16.13
CA LEU A 254 4.50 4.42 14.77
C LEU A 254 3.21 3.86 14.17
N ILE A 255 2.76 2.70 14.64
CA ILE A 255 1.51 2.14 14.16
C ILE A 255 0.34 2.91 14.74
N GLN A 256 0.41 3.26 16.03
CA GLN A 256 -0.67 4.02 16.66
C GLN A 256 -0.80 5.40 16.03
N ARG A 257 0.32 6.01 15.64
CA ARG A 257 0.28 7.34 15.03
C ARG A 257 -0.18 7.26 13.57
N ASP A 258 0.15 6.19 12.87
CA ASP A 258 -0.27 6.03 11.48
C ASP A 258 -1.76 5.74 11.37
N ARG A 259 -2.39 5.23 12.43
CA ARG A 259 -3.78 4.82 12.40
C ARG A 259 -4.69 5.60 13.34
N GLY A 260 -4.13 6.34 14.30
CA GLY A 260 -4.95 7.00 15.29
C GLY A 260 -5.72 6.05 16.18
N SER A 261 -5.21 4.84 16.37
CA SER A 261 -5.89 3.83 17.16
C SER A 261 -5.48 3.91 18.63
N THR A 262 -5.95 2.97 19.43
CA THR A 262 -5.55 2.86 20.81
C THR A 262 -4.28 2.02 20.93
N LEU A 263 -3.69 2.01 22.13
CA LEU A 263 -2.47 1.24 22.34
C LEU A 263 -2.73 -0.25 22.20
N GLN A 264 -3.87 -0.73 22.69
CA GLN A 264 -4.19 -2.15 22.54
C GLN A 264 -4.45 -2.50 21.08
N GLU A 265 -5.13 -1.61 20.35
CA GLU A 265 -5.36 -1.87 18.93
C GLU A 265 -4.06 -1.84 18.14
N ALA A 266 -3.13 -0.94 18.51
CA ALA A 266 -1.85 -0.87 17.81
C ALA A 266 -0.98 -2.08 18.12
N VAL A 267 -0.99 -2.55 19.37
CA VAL A 267 -0.24 -3.75 19.73
C VAL A 267 -0.81 -4.96 19.00
N ASP A 268 -2.14 -5.07 18.95
CA ASP A 268 -2.75 -6.17 18.20
C ASP A 268 -2.46 -6.06 16.71
N GLU A 269 -2.38 -4.83 16.19
CA GLU A 269 -2.00 -4.65 14.79
C GLU A 269 -0.56 -5.07 14.55
N ALA A 270 0.34 -4.74 15.48
CA ALA A 270 1.73 -5.15 15.34
C ALA A 270 1.88 -6.67 15.41
N GLY A 271 1.06 -7.33 16.23
CA GLY A 271 1.08 -8.78 16.29
C GLY A 271 0.68 -9.42 14.98
N ILE A 272 -0.17 -8.74 14.20
CA ILE A 272 -0.53 -9.25 12.88
C ILE A 272 0.63 -9.10 11.91
N GLN A 273 1.29 -7.93 11.93
CA GLN A 273 2.45 -7.73 11.06
C GLN A 273 3.55 -8.73 11.39
N LEU A 274 3.74 -9.03 12.68
CA LEU A 274 4.74 -10.02 13.06
C LEU A 274 4.41 -11.39 12.50
N ALA A 275 3.12 -11.72 12.38
CA ALA A 275 2.74 -12.98 11.76
C ALA A 275 3.09 -13.00 10.27
N ARG A 276 2.92 -11.86 9.59
CA ARG A 276 3.30 -11.80 8.18
C ARG A 276 4.80 -11.92 8.01
N ILE A 277 5.58 -11.52 9.01
CA ILE A 277 7.02 -11.65 8.93
C ILE A 277 7.44 -13.12 9.11
N ALA A 278 6.82 -13.81 10.07
CA ALA A 278 7.10 -15.24 10.24
C ALA A 278 6.73 -16.03 8.99
N GLU A 279 5.66 -15.63 8.31
CA GLU A 279 5.33 -16.25 7.02
C GLU A 279 6.38 -15.93 5.97
N ARG A 280 6.98 -14.73 6.04
CA ARG A 280 8.05 -14.39 5.11
C ARG A 280 9.28 -15.25 5.33
N VAL A 281 9.51 -15.70 6.58
CA VAL A 281 10.60 -16.63 6.84
C VAL A 281 10.34 -17.95 6.12
N GLN A 282 9.12 -18.47 6.24
CA GLN A 282 8.79 -19.76 5.63
C GLN A 282 8.88 -19.70 4.11
N ARG A 283 8.38 -18.63 3.50
CA ARG A 283 8.43 -18.52 2.05
C ARG A 283 9.87 -18.36 1.56
N ALA A 284 10.68 -17.61 2.30
CA ALA A 284 12.08 -17.45 1.93
C ALA A 284 12.85 -18.75 2.06
N GLU A 285 12.49 -19.59 3.04
CA GLU A 285 13.14 -20.89 3.17
C GLU A 285 12.79 -21.80 2.00
N ARG A 286 11.51 -21.80 1.59
CA ARG A 286 11.11 -22.61 0.44
C ARG A 286 11.79 -22.13 -0.83
N GLU A 287 11.84 -20.82 -1.04
CA GLU A 287 12.47 -20.28 -2.24
C GLU A 287 13.99 -20.40 -2.21
N LEU A 288 14.59 -20.49 -1.02
CA LEU A 288 16.04 -20.66 -0.94
C LEU A 288 16.45 -22.07 -1.35
N ILE A 289 15.66 -23.08 -0.98
CA ILE A 289 15.92 -24.44 -1.44
C ILE A 289 15.80 -24.52 -2.96
N GLU A 290 14.77 -23.87 -3.52
CA GLU A 290 14.60 -23.88 -4.98
C GLU A 290 15.77 -23.22 -5.67
N GLU A 291 16.30 -22.13 -5.11
CA GLU A 291 17.43 -21.45 -5.74
C GLU A 291 18.71 -22.27 -5.61
N ILE A 292 18.84 -23.08 -4.56
CA ILE A 292 20.00 -23.95 -4.42
C ILE A 292 20.02 -25.00 -5.52
N GLU A 293 18.88 -25.66 -5.72
CA GLU A 293 18.80 -26.72 -6.72
C GLU A 293 18.83 -26.16 -8.14
N ALA A 294 18.34 -24.93 -8.33
CA ALA A 294 18.36 -24.34 -9.67
C ALA A 294 19.74 -23.82 -10.04
N ALA A 295 20.53 -23.37 -9.06
CA ALA A 295 21.85 -22.82 -9.33
C ALA A 295 22.94 -23.88 -9.34
N GLY A 296 22.62 -25.14 -9.06
CA GLY A 296 23.63 -26.16 -8.99
C GLY A 296 24.62 -26.00 -7.87
N ILE A 297 24.19 -25.43 -6.74
CA ILE A 297 25.07 -25.24 -5.60
C ILE A 297 25.28 -26.57 -4.89
N ASP A 298 26.52 -26.89 -4.57
CA ASP A 298 26.86 -28.13 -3.89
C ASP A 298 28.04 -27.86 -2.96
N GLY A 299 28.69 -28.93 -2.50
CA GLY A 299 29.87 -28.81 -1.67
C GLY A 299 29.63 -28.07 -0.38
N PRO A 300 30.64 -27.31 0.06
CA PRO A 300 30.49 -26.57 1.33
C PRO A 300 29.41 -25.49 1.28
N THR A 301 29.19 -24.86 0.13
CA THR A 301 28.22 -23.77 0.06
C THR A 301 26.80 -24.26 0.27
N ARG A 302 26.45 -25.42 -0.30
CA ARG A 302 25.12 -25.97 -0.08
C ARG A 302 24.92 -26.36 1.38
N THR A 303 25.95 -26.94 2.01
CA THR A 303 25.87 -27.27 3.42
C THR A 303 25.67 -26.02 4.26
N ALA A 304 26.30 -24.91 3.86
CA ALA A 304 26.17 -23.67 4.61
C ALA A 304 24.78 -23.07 4.48
N LEU A 305 24.22 -23.08 3.27
CA LEU A 305 22.90 -22.51 3.05
C LEU A 305 21.80 -23.38 3.66
N GLU A 306 21.92 -24.70 3.53
CA GLU A 306 20.95 -25.59 4.15
C GLU A 306 21.04 -25.54 5.67
N ARG A 307 22.24 -25.26 6.21
CA ARG A 307 22.37 -25.06 7.65
C ARG A 307 21.62 -23.82 8.12
N CYS A 308 21.56 -22.79 7.29
CA CYS A 308 20.81 -21.59 7.63
C CYS A 308 19.31 -21.85 7.59
N VAL A 309 18.85 -22.63 6.60
CA VAL A 309 17.43 -22.99 6.54
C VAL A 309 17.03 -23.78 7.78
N ARG A 310 17.96 -24.57 8.32
CA ARG A 310 17.66 -25.37 9.50
C ARG A 310 17.67 -24.54 10.77
N ASP A 311 18.63 -23.61 10.88
CA ASP A 311 18.86 -22.91 12.15
C ASP A 311 18.07 -21.62 12.29
N TYR A 312 17.75 -20.95 11.18
CA TYR A 312 17.14 -19.62 11.28
C TYR A 312 15.75 -19.66 11.89
N ARG A 313 15.03 -20.78 11.74
CA ARG A 313 13.78 -20.96 12.47
C ARG A 313 14.03 -20.95 13.97
N GLY A 314 15.14 -21.55 14.41
CA GLY A 314 15.47 -21.53 15.82
C GLY A 314 15.88 -20.16 16.33
N LEU A 315 16.55 -19.38 15.47
CA LEU A 315 16.91 -18.02 15.87
C LEU A 315 15.67 -17.17 16.11
N VAL A 316 14.68 -17.29 15.22
CA VAL A 316 13.44 -16.52 15.38
C VAL A 316 12.73 -16.93 16.67
N ARG A 317 12.64 -18.25 16.91
CA ARG A 317 11.96 -18.73 18.11
C ARG A 317 12.78 -18.42 19.36
N GLY A 318 14.10 -18.57 19.29
CA GLY A 318 14.93 -18.24 20.43
C GLY A 318 14.85 -16.77 20.81
N ASP A 319 14.84 -15.89 19.79
CA ASP A 319 14.69 -14.48 20.05
C ASP A 319 13.28 -14.15 20.54
N PHE A 320 12.27 -14.85 20.00
CA PHE A 320 10.90 -14.65 20.44
C PHE A 320 10.73 -15.03 21.91
N ASP A 321 11.25 -16.19 22.30
CA ASP A 321 11.10 -16.64 23.68
C ASP A 321 11.83 -15.73 24.66
N TYR A 322 12.89 -15.05 24.20
CA TYR A 322 13.59 -14.13 25.09
C TYR A 322 12.76 -12.89 25.36
N HIS A 323 12.30 -12.22 24.30
CA HIS A 323 11.56 -10.97 24.47
C HIS A 323 10.20 -11.21 25.13
N ALA A 324 9.44 -12.18 24.62
CA ALA A 324 8.08 -12.39 25.12
C ALA A 324 8.08 -12.96 26.53
N ARG A 325 9.11 -13.72 26.89
CA ARG A 325 9.18 -14.29 28.24
C ARG A 325 10.40 -13.77 28.99
N ILE B 18 2.47 3.54 -29.31
CA ILE B 18 2.93 3.79 -27.94
C ILE B 18 3.64 5.13 -27.86
N THR B 19 3.23 5.96 -26.89
CA THR B 19 3.80 7.28 -26.69
C THR B 19 4.33 7.39 -25.27
N LEU B 20 5.52 7.97 -25.13
CA LEU B 20 6.09 8.18 -23.81
C LEU B 20 5.24 9.17 -23.03
N PRO B 21 5.09 8.98 -21.73
CA PRO B 21 4.18 9.84 -20.95
C PRO B 21 4.77 11.21 -20.72
N ALA B 22 3.92 12.11 -20.24
CA ALA B 22 4.36 13.44 -19.86
C ALA B 22 5.29 13.34 -18.64
N PHE B 23 6.53 13.77 -18.80
CA PHE B 23 7.53 13.63 -17.75
C PHE B 23 7.53 14.85 -16.84
N HIS B 24 7.74 14.59 -15.55
CA HIS B 24 7.85 15.64 -14.54
C HIS B 24 9.32 15.82 -14.23
N MET B 25 9.95 16.82 -14.85
CA MET B 25 11.39 17.07 -14.72
C MET B 25 11.61 18.47 -14.20
N PRO B 26 11.59 18.67 -12.88
CA PRO B 26 11.80 20.01 -12.30
C PRO B 26 13.25 20.38 -12.06
N PHE B 27 14.21 19.62 -12.59
CA PHE B 27 15.62 19.84 -12.35
C PHE B 27 16.27 20.46 -13.57
N GLN B 28 16.97 21.58 -13.37
CA GLN B 28 17.65 22.25 -14.47
C GLN B 28 18.85 21.43 -14.94
N SER B 29 19.24 21.63 -16.20
CA SER B 29 20.32 20.85 -16.78
C SER B 29 21.65 21.50 -16.47
N ALA B 30 22.59 20.72 -15.92
CA ALA B 30 23.93 21.20 -15.64
C ALA B 30 24.81 21.26 -16.89
N GLY B 31 24.23 21.03 -18.07
CA GLY B 31 24.97 21.13 -19.31
C GLY B 31 25.52 19.79 -19.78
N CYS B 32 26.24 19.87 -20.91
CA CYS B 32 26.91 18.71 -21.49
C CYS B 32 28.39 19.03 -21.62
N HIS B 33 29.24 18.03 -21.40
CA HIS B 33 30.68 18.26 -21.40
C HIS B 33 31.16 18.57 -22.81
N PRO B 34 31.96 19.63 -23.00
CA PRO B 34 32.44 19.96 -24.35
C PRO B 34 33.42 18.93 -24.92
N GLY B 35 33.97 18.05 -24.09
CA GLY B 35 34.89 17.04 -24.57
C GLY B 35 34.23 15.73 -24.92
N LEU B 36 32.95 15.80 -25.32
CA LEU B 36 32.20 14.59 -25.66
C LEU B 36 32.86 13.83 -26.80
N ALA B 37 33.29 14.54 -27.85
CA ALA B 37 33.93 13.89 -28.97
C ALA B 37 35.33 13.40 -28.62
N GLU B 38 36.02 14.10 -27.73
CA GLU B 38 37.39 13.71 -27.37
C GLU B 38 37.39 12.51 -26.43
N THR B 39 36.44 12.44 -25.50
CA THR B 39 36.39 11.30 -24.59
C THR B 39 35.93 10.02 -25.28
N ARG B 40 35.21 10.14 -26.40
CA ARG B 40 34.87 8.96 -27.18
C ARG B 40 36.11 8.39 -27.85
N GLU B 41 36.91 9.25 -28.49
CA GLU B 41 38.16 8.81 -29.10
C GLU B 41 39.07 8.18 -28.06
N ALA B 42 39.13 8.77 -26.85
CA ALA B 42 40.00 8.23 -25.81
C ALA B 42 39.49 6.89 -25.30
N ALA B 43 38.18 6.69 -25.29
CA ALA B 43 37.63 5.42 -24.80
C ALA B 43 37.97 4.29 -25.77
N TRP B 44 37.75 4.50 -27.07
CA TRP B 44 38.07 3.47 -28.05
C TRP B 44 39.57 3.27 -28.18
N GLU B 45 40.36 4.34 -28.00
CA GLU B 45 41.80 4.19 -28.03
C GLU B 45 42.29 3.40 -26.83
N TRP B 46 41.67 3.60 -25.66
CA TRP B 46 42.02 2.82 -24.47
C TRP B 46 41.65 1.35 -24.65
N ALA B 47 40.50 1.08 -25.28
CA ALA B 47 40.08 -0.30 -25.47
C ALA B 47 41.00 -1.03 -26.44
N ALA B 48 41.44 -0.35 -27.50
CA ALA B 48 42.37 -0.97 -28.45
C ALA B 48 43.70 -1.29 -27.78
N ALA B 49 44.23 -0.36 -27.00
CA ALA B 49 45.49 -0.61 -26.29
C ALA B 49 45.37 -1.75 -25.30
N GLU B 50 44.21 -1.89 -24.67
CA GLU B 50 43.98 -2.96 -23.71
C GLU B 50 43.68 -4.30 -24.38
N GLY B 51 43.62 -4.35 -25.70
CA GLY B 51 43.31 -5.59 -26.39
C GLY B 51 41.86 -6.02 -26.29
N LEU B 52 40.95 -5.06 -26.11
CA LEU B 52 39.52 -5.36 -26.03
C LEU B 52 38.97 -5.44 -27.44
N ASP B 53 38.98 -6.65 -28.00
CA ASP B 53 38.50 -6.87 -29.36
C ASP B 53 36.98 -7.03 -29.33
N LEU B 54 36.26 -6.07 -29.89
CA LEU B 54 34.81 -6.15 -29.99
C LEU B 54 34.40 -6.71 -31.34
N SER B 55 33.29 -7.42 -31.35
CA SER B 55 32.70 -7.85 -32.62
C SER B 55 32.00 -6.67 -33.28
N VAL B 56 31.67 -6.85 -34.57
CA VAL B 56 30.96 -5.80 -35.29
C VAL B 56 29.58 -5.53 -34.68
N PRO B 57 28.78 -6.52 -34.29
CA PRO B 57 27.55 -6.19 -33.55
C PRO B 57 27.82 -5.53 -32.21
N ALA B 58 28.88 -5.96 -31.51
CA ALA B 58 29.25 -5.30 -30.27
C ALA B 58 29.75 -3.88 -30.52
N ARG B 59 30.47 -3.68 -31.63
CA ARG B 59 30.92 -2.35 -31.99
C ARG B 59 29.73 -1.43 -32.28
N ARG B 60 28.83 -1.86 -33.16
CA ARG B 60 27.68 -1.04 -33.52
C ARG B 60 26.72 -0.83 -32.37
N LYS B 61 26.73 -1.72 -31.36
CA LYS B 61 25.90 -1.50 -30.19
C LYS B 61 26.48 -0.41 -29.29
N MET B 62 27.81 -0.45 -29.09
CA MET B 62 28.46 0.59 -28.29
C MET B 62 28.30 1.96 -28.93
N ILE B 63 28.44 2.03 -30.26
CA ILE B 63 28.26 3.30 -30.96
C ILE B 63 26.82 3.77 -30.87
N ARG B 64 25.87 2.85 -31.02
CA ARG B 64 24.46 3.20 -30.87
C ARG B 64 24.16 3.62 -29.44
N THR B 65 24.81 2.97 -28.46
CA THR B 65 24.57 3.29 -27.06
C THR B 65 25.11 4.68 -26.72
N ARG B 66 26.25 5.06 -27.30
CA ARG B 66 26.92 6.33 -27.04
C ARG B 66 27.20 6.51 -25.56
N PRO B 67 28.15 5.75 -24.99
CA PRO B 67 28.48 5.94 -23.57
C PRO B 67 29.08 7.30 -23.29
N GLU B 68 29.78 7.89 -24.26
CA GLU B 68 30.36 9.21 -24.08
C GLU B 68 29.28 10.28 -23.86
N LEU B 69 28.08 10.06 -24.41
CA LEU B 69 26.99 11.00 -24.21
C LEU B 69 26.46 10.92 -22.77
N TRP B 70 26.35 9.70 -22.24
CA TRP B 70 25.91 9.54 -20.85
C TRP B 70 26.90 10.18 -19.88
N ILE B 71 28.19 9.92 -20.09
CA ILE B 71 29.20 10.41 -19.16
C ILE B 71 29.33 11.93 -19.26
N SER B 72 29.06 12.50 -20.44
CA SER B 72 29.16 13.95 -20.61
C SER B 72 27.98 14.67 -19.97
N LEU B 73 26.83 14.02 -19.88
CA LEU B 73 25.68 14.62 -19.22
C LEU B 73 25.70 14.44 -17.72
N ILE B 74 26.38 13.41 -17.21
CA ILE B 74 26.46 13.20 -15.77
C ILE B 74 27.54 14.08 -15.15
N PHE B 75 28.70 14.18 -15.82
CA PHE B 75 29.82 14.99 -15.35
C PHE B 75 30.15 16.04 -16.40
N PRO B 76 29.31 17.07 -16.56
CA PRO B 76 29.57 18.09 -17.58
C PRO B 76 30.66 19.08 -17.22
N GLN B 77 31.20 19.02 -16.00
CA GLN B 77 32.20 19.97 -15.54
C GLN B 77 33.48 19.30 -15.06
N ALA B 78 33.65 18.00 -15.32
CA ALA B 78 34.84 17.30 -14.89
C ALA B 78 36.02 17.63 -15.79
N THR B 79 37.22 17.37 -15.28
CA THR B 79 38.42 17.51 -16.09
C THR B 79 38.42 16.44 -17.18
N GLN B 80 39.22 16.70 -18.23
CA GLN B 80 39.28 15.76 -19.34
C GLN B 80 39.81 14.40 -18.89
N ALA B 81 40.80 14.41 -17.98
CA ALA B 81 41.36 13.15 -17.50
C ALA B 81 40.34 12.35 -16.69
N HIS B 82 39.54 13.04 -15.87
CA HIS B 82 38.51 12.34 -15.12
C HIS B 82 37.40 11.84 -16.03
N LEU B 83 36.99 12.65 -17.01
CA LEU B 83 35.93 12.23 -17.92
C LEU B 83 36.36 11.03 -18.74
N ASP B 84 37.63 10.99 -19.15
CA ASP B 84 38.13 9.85 -19.91
C ASP B 84 38.18 8.60 -19.04
N LEU B 85 38.56 8.74 -17.77
CA LEU B 85 38.60 7.59 -16.88
C LEU B 85 37.20 7.05 -16.61
N PHE B 86 36.23 7.94 -16.37
CA PHE B 86 34.87 7.49 -16.10
C PHE B 86 34.25 6.86 -17.33
N CYS B 87 34.51 7.44 -18.51
CA CYS B 87 33.95 6.88 -19.74
C CYS B 87 34.53 5.50 -20.04
N GLN B 88 35.79 5.25 -19.65
CA GLN B 88 36.36 3.92 -19.85
C GLN B 88 35.76 2.91 -18.87
N TRP B 89 35.34 3.36 -17.68
CA TRP B 89 34.58 2.49 -16.79
C TRP B 89 33.27 2.07 -17.44
N LEU B 90 32.55 3.04 -18.04
CA LEU B 90 31.29 2.73 -18.69
C LEU B 90 31.49 1.88 -19.93
N PHE B 91 32.60 2.08 -20.64
CA PHE B 91 32.91 1.23 -21.79
C PHE B 91 33.13 -0.20 -21.36
N TRP B 92 33.83 -0.40 -20.23
CA TRP B 92 34.08 -1.74 -19.74
C TRP B 92 32.82 -2.37 -19.16
N ALA B 93 32.00 -1.57 -18.46
CA ALA B 93 30.77 -2.08 -17.87
C ALA B 93 29.78 -2.50 -18.95
N PHE B 94 29.73 -1.78 -20.07
CA PHE B 94 28.87 -2.18 -21.18
C PHE B 94 29.33 -3.49 -21.81
N LEU B 95 30.64 -3.74 -21.81
CA LEU B 95 31.14 -5.02 -22.32
C LEU B 95 30.84 -6.16 -21.34
N VAL B 96 30.78 -5.84 -20.04
CA VAL B 96 30.36 -6.84 -19.06
C VAL B 96 28.90 -7.21 -19.28
N ASP B 97 28.06 -6.22 -19.61
CA ASP B 97 26.64 -6.48 -19.80
C ASP B 97 26.40 -7.38 -21.02
N ASP B 98 27.20 -7.23 -22.08
CA ASP B 98 26.98 -8.00 -23.29
C ASP B 98 27.29 -9.48 -23.09
N GLU B 99 28.20 -9.81 -22.17
CA GLU B 99 28.58 -11.20 -21.97
C GLU B 99 27.58 -11.98 -21.13
N PHE B 100 26.76 -11.30 -20.34
CA PHE B 100 25.80 -11.95 -19.46
C PHE B 100 24.39 -11.78 -20.03
N ASP B 101 24.17 -12.38 -21.20
CA ASP B 101 22.86 -12.47 -21.81
C ASP B 101 22.82 -13.56 -22.88
N ALA B 105 28.33 -17.29 -20.62
CA ALA B 105 27.52 -17.68 -19.47
C ALA B 105 26.04 -17.51 -19.77
N GLY B 106 25.52 -16.31 -19.53
CA GLY B 106 24.13 -16.01 -19.82
C GLY B 106 23.16 -16.54 -18.78
N ARG B 107 22.51 -17.66 -19.10
CA ARG B 107 21.48 -18.21 -18.23
C ARG B 107 22.01 -19.24 -17.24
N ASP B 108 23.18 -19.82 -17.51
CA ASP B 108 23.72 -20.86 -16.63
C ASP B 108 24.24 -20.24 -15.34
N PRO B 109 23.68 -20.59 -14.17
CA PRO B 109 24.16 -19.98 -12.93
C PRO B 109 25.58 -20.37 -12.58
N LEU B 110 25.96 -21.63 -12.81
CA LEU B 110 27.32 -22.07 -12.48
C LEU B 110 28.36 -21.30 -13.29
N MET B 111 28.06 -21.00 -14.55
CA MET B 111 28.98 -20.22 -15.37
C MET B 111 29.08 -18.78 -14.87
N CYS B 112 27.94 -18.17 -14.52
CA CYS B 112 27.97 -16.80 -14.01
C CYS B 112 28.72 -16.72 -12.69
N GLU B 113 28.53 -17.72 -11.82
CA GLU B 113 29.21 -17.70 -10.52
C GLU B 113 30.73 -17.71 -10.70
N ARG B 114 31.23 -18.57 -11.59
CA ARG B 114 32.66 -18.58 -11.86
C ARG B 114 33.11 -17.30 -12.56
N ALA B 115 32.27 -16.75 -13.42
CA ALA B 115 32.66 -15.55 -14.17
C ALA B 115 32.64 -14.32 -13.29
N ILE B 116 31.61 -14.18 -12.44
CA ILE B 116 31.50 -12.98 -11.60
C ILE B 116 32.55 -13.01 -10.50
N ALA B 117 32.69 -14.14 -9.81
CA ALA B 117 33.67 -14.25 -8.73
C ALA B 117 35.09 -14.00 -9.23
N ARG B 118 35.38 -14.35 -10.49
CA ARG B 118 36.70 -14.10 -11.04
C ARG B 118 36.94 -12.61 -11.26
N LEU B 119 35.91 -11.89 -11.73
CA LEU B 119 36.05 -10.44 -11.90
C LEU B 119 36.18 -9.74 -10.55
N VAL B 120 35.45 -10.20 -9.54
CA VAL B 120 35.51 -9.58 -8.23
C VAL B 120 36.87 -9.80 -7.59
N ASP B 121 37.45 -10.98 -7.78
CA ASP B 121 38.76 -11.27 -7.20
C ASP B 121 39.85 -10.42 -7.84
N VAL B 122 39.77 -10.18 -9.15
CA VAL B 122 40.72 -9.27 -9.80
C VAL B 122 40.57 -7.86 -9.25
N PHE B 123 39.33 -7.45 -8.99
CA PHE B 123 39.09 -6.14 -8.39
C PHE B 123 39.72 -6.04 -7.01
N ASP B 124 39.82 -7.16 -6.29
CA ASP B 124 40.37 -7.17 -4.94
C ASP B 124 41.88 -7.36 -4.91
N GLY B 125 42.51 -7.73 -6.03
CA GLY B 125 43.95 -7.82 -6.08
C GLY B 125 44.52 -8.99 -6.85
N ALA B 126 43.67 -9.92 -7.26
CA ALA B 126 44.14 -11.10 -7.97
C ALA B 126 44.76 -10.71 -9.30
N ALA B 127 45.68 -11.56 -9.77
CA ALA B 127 46.38 -11.27 -11.01
C ALA B 127 45.44 -11.41 -12.20
N PRO B 128 45.36 -10.42 -13.08
CA PRO B 128 44.46 -10.51 -14.24
C PRO B 128 45.01 -11.47 -15.29
N ASN B 129 44.09 -11.99 -16.10
CA ASN B 129 44.45 -12.94 -17.15
C ASN B 129 44.11 -12.39 -18.53
N GLY B 130 42.82 -12.30 -18.89
CA GLY B 130 42.44 -11.85 -20.21
C GLY B 130 42.44 -10.34 -20.33
N PRO B 131 42.03 -9.86 -21.50
CA PRO B 131 41.96 -8.41 -21.71
C PRO B 131 40.95 -7.72 -20.81
N MET B 132 39.78 -8.34 -20.58
CA MET B 132 38.79 -7.75 -19.71
C MET B 132 39.26 -7.68 -18.27
N GLU B 133 40.05 -8.66 -17.82
CA GLU B 133 40.58 -8.64 -16.47
C GLU B 133 41.72 -7.65 -16.32
N ARG B 134 42.58 -7.55 -17.34
CA ARG B 134 43.66 -6.56 -17.29
C ARG B 134 43.13 -5.15 -17.40
N ALA B 135 42.04 -4.95 -18.14
CA ALA B 135 41.42 -3.63 -18.22
C ALA B 135 40.79 -3.25 -16.89
N LEU B 136 40.10 -4.20 -16.24
CA LEU B 136 39.53 -3.94 -14.92
C LEU B 136 40.61 -3.61 -13.91
N ALA B 137 41.70 -4.37 -13.92
CA ALA B 137 42.80 -4.09 -13.00
C ALA B 137 43.44 -2.73 -13.28
N GLY B 138 43.47 -2.32 -14.54
CA GLY B 138 44.01 -1.01 -14.87
C GLY B 138 43.11 0.12 -14.41
N LEU B 139 41.79 -0.03 -14.65
CA LEU B 139 40.85 1.00 -14.22
C LEU B 139 40.83 1.13 -12.70
N ARG B 140 41.01 0.02 -11.99
CA ARG B 140 41.02 0.08 -10.53
C ARG B 140 42.25 0.80 -10.01
N ASP B 141 43.41 0.60 -10.66
CA ASP B 141 44.63 1.26 -10.21
C ASP B 141 44.55 2.77 -10.38
N ARG B 142 43.93 3.23 -11.47
CA ARG B 142 43.82 4.66 -11.73
C ARG B 142 42.70 5.33 -10.94
N THR B 143 41.85 4.56 -10.27
CA THR B 143 40.68 5.11 -9.60
C THR B 143 40.71 4.91 -8.09
N CYS B 144 41.04 3.70 -7.62
CA CYS B 144 40.89 3.35 -6.23
C CYS B 144 42.12 3.65 -5.39
N ARG B 145 43.32 3.54 -5.96
CA ARG B 145 44.54 3.73 -5.17
C ARG B 145 44.59 5.12 -4.57
N GLY B 146 44.89 5.19 -3.27
CA GLY B 146 45.02 6.45 -2.57
C GLY B 146 43.77 6.95 -1.91
N ARG B 147 42.60 6.55 -2.39
CA ARG B 147 41.35 7.03 -1.82
C ARG B 147 41.16 6.51 -0.40
N SER B 148 40.28 7.18 0.35
CA SER B 148 40.03 6.83 1.73
C SER B 148 39.42 5.43 1.83
N PRO B 149 39.59 4.76 2.98
CA PRO B 149 39.01 3.44 3.14
C PRO B 149 37.50 3.43 3.07
N GLN B 150 36.84 4.48 3.57
CA GLN B 150 35.38 4.53 3.48
C GLN B 150 34.92 4.69 2.04
N TRP B 151 35.71 5.35 1.20
CA TRP B 151 35.34 5.47 -0.21
C TRP B 151 35.51 4.14 -0.93
N ASN B 152 36.65 3.48 -0.73
CA ASN B 152 36.86 2.16 -1.34
C ASN B 152 35.85 1.15 -0.84
N ARG B 153 35.47 1.25 0.44
CA ARG B 153 34.46 0.36 0.98
C ARG B 153 33.11 0.57 0.32
N GLN B 154 32.77 1.83 0.02
CA GLN B 154 31.52 2.13 -0.66
C GLN B 154 31.61 1.80 -2.15
N PHE B 155 32.75 2.07 -2.78
CA PHE B 155 32.90 1.79 -4.21
C PHE B 155 32.89 0.29 -4.48
N ARG B 156 33.51 -0.49 -3.60
CA ARG B 156 33.49 -1.94 -3.77
C ARG B 156 32.09 -2.50 -3.55
N ARG B 157 31.35 -1.96 -2.59
CA ARG B 157 30.00 -2.44 -2.30
C ARG B 157 29.08 -2.23 -3.50
N ASP B 158 29.13 -1.04 -4.10
CA ASP B 158 28.26 -0.74 -5.22
C ASP B 158 28.68 -1.52 -6.47
N THR B 159 29.99 -1.67 -6.68
CA THR B 159 30.46 -2.40 -7.86
C THR B 159 30.17 -3.89 -7.74
N ALA B 160 30.48 -4.48 -6.58
CA ALA B 160 30.23 -5.91 -6.39
C ALA B 160 28.75 -6.23 -6.46
N ALA B 161 27.90 -5.39 -5.84
CA ALA B 161 26.47 -5.63 -5.89
C ALA B 161 25.95 -5.65 -7.32
N TRP B 162 26.45 -4.74 -8.16
CA TRP B 162 26.06 -4.73 -9.57
C TRP B 162 26.51 -6.01 -10.27
N LEU B 163 27.73 -6.46 -10.00
CA LEU B 163 28.22 -7.68 -10.64
C LEU B 163 27.42 -8.90 -10.21
N TRP B 164 26.98 -8.95 -8.96
CA TRP B 164 26.24 -10.11 -8.47
C TRP B 164 24.76 -10.06 -8.80
N THR B 165 24.26 -8.93 -9.31
CA THR B 165 22.88 -8.91 -9.80
C THR B 165 22.71 -9.80 -11.02
N TYR B 166 23.75 -9.94 -11.84
CA TYR B 166 23.69 -10.86 -12.96
C TYR B 166 23.50 -12.30 -12.49
N TYR B 167 24.20 -12.68 -11.41
CA TYR B 167 24.05 -14.02 -10.86
C TYR B 167 22.69 -14.18 -10.18
N ALA B 168 22.22 -13.13 -9.51
CA ALA B 168 20.94 -13.22 -8.81
C ALA B 168 19.79 -13.41 -9.80
N GLU B 169 19.84 -12.71 -10.94
CA GLU B 169 18.77 -12.84 -11.94
C GLU B 169 18.84 -14.18 -12.64
N ALA B 170 20.06 -14.67 -12.92
CA ALA B 170 20.20 -15.97 -13.58
C ALA B 170 19.68 -17.10 -12.69
N VAL B 171 19.97 -17.02 -11.39
CA VAL B 171 19.46 -18.04 -10.47
C VAL B 171 17.95 -17.93 -10.34
N GLU B 172 17.44 -16.71 -10.20
CA GLU B 172 16.00 -16.53 -10.07
C GLU B 172 15.27 -16.94 -11.35
N ARG B 173 15.94 -16.81 -12.51
CA ARG B 173 15.32 -17.24 -13.76
C ARG B 173 15.24 -18.76 -13.83
N ALA B 174 16.35 -19.44 -13.59
CA ALA B 174 16.35 -20.90 -13.63
C ALA B 174 15.40 -21.49 -12.61
N ALA B 175 15.22 -20.83 -11.46
CA ALA B 175 14.29 -21.29 -10.45
C ALA B 175 12.84 -20.98 -10.80
N GLY B 176 12.58 -20.27 -11.89
CA GLY B 176 11.22 -19.91 -12.25
C GLY B 176 10.57 -18.97 -11.27
N GLN B 177 11.36 -18.19 -10.52
CA GLN B 177 10.84 -17.26 -9.54
C GLN B 177 10.79 -15.86 -10.13
N VAL B 178 9.69 -15.16 -9.90
CA VAL B 178 9.53 -13.77 -10.28
C VAL B 178 9.66 -12.92 -9.02
N PRO B 179 10.52 -11.89 -9.02
CA PRO B 179 10.63 -11.04 -7.84
C PRO B 179 9.38 -10.19 -7.66
N SER B 180 9.12 -9.81 -6.41
CA SER B 180 7.99 -8.93 -6.14
C SER B 180 8.28 -7.54 -6.69
N ARG B 181 7.23 -6.70 -6.71
CA ARG B 181 7.37 -5.34 -7.20
C ARG B 181 8.36 -4.53 -6.37
N ALA B 182 8.44 -4.80 -5.07
CA ALA B 182 9.41 -4.11 -4.23
C ALA B 182 10.78 -4.79 -4.26
N GLU B 183 10.81 -6.10 -4.46
CA GLU B 183 12.08 -6.80 -4.57
C GLU B 183 12.83 -6.38 -5.84
N PHE B 184 12.11 -6.22 -6.95
CA PHE B 184 12.73 -5.75 -8.18
C PHE B 184 13.22 -4.31 -8.06
N ALA B 185 12.54 -3.50 -7.23
CA ALA B 185 12.97 -2.12 -7.03
C ALA B 185 14.31 -2.04 -6.32
N LYS B 186 14.41 -2.69 -5.16
CA LYS B 186 15.69 -2.75 -4.46
C LYS B 186 16.76 -3.44 -5.29
N HIS B 187 16.34 -4.33 -6.20
CA HIS B 187 17.27 -4.97 -7.12
C HIS B 187 17.66 -4.04 -8.27
N ARG B 188 16.74 -3.16 -8.70
CA ARG B 188 17.03 -2.27 -9.81
C ARG B 188 18.09 -1.24 -9.46
N ARG B 189 18.29 -0.93 -8.18
CA ARG B 189 19.31 0.04 -7.80
C ARG B 189 20.70 -0.48 -8.11
N ASP B 190 20.99 -1.73 -7.74
CA ASP B 190 22.33 -2.27 -7.95
C ASP B 190 22.59 -2.56 -9.43
N SER B 191 21.54 -2.87 -10.20
CA SER B 191 21.73 -3.22 -11.60
C SER B 191 21.93 -2.00 -12.50
N VAL B 192 21.57 -0.80 -12.04
CA VAL B 192 21.73 0.40 -12.84
C VAL B 192 23.10 1.00 -12.55
N ALA B 193 23.51 1.96 -13.36
CA ALA B 193 24.86 2.52 -13.31
C ALA B 193 25.01 3.69 -12.33
N MET B 194 23.93 4.14 -11.70
CA MET B 194 23.99 5.39 -10.94
C MET B 194 24.86 5.24 -9.71
N GLN B 195 24.67 4.16 -8.94
CA GLN B 195 25.40 4.00 -7.69
C GLN B 195 26.91 3.95 -7.86
N PRO B 196 27.47 3.19 -8.81
CA PRO B 196 28.94 3.24 -8.98
C PRO B 196 29.45 4.62 -9.36
N PHE B 197 28.81 5.28 -10.34
CA PHE B 197 29.26 6.60 -10.74
C PHE B 197 28.94 7.67 -9.72
N LEU B 198 28.12 7.37 -8.70
CA LEU B 198 27.98 8.29 -7.59
C LEU B 198 29.27 8.35 -6.77
N CYS B 199 29.96 7.21 -6.63
CA CYS B 199 31.28 7.23 -6.00
C CYS B 199 32.28 8.03 -6.84
N LEU B 200 32.18 7.91 -8.16
CA LEU B 200 33.07 8.66 -9.04
C LEU B 200 32.76 10.15 -9.02
N HIS B 201 31.53 10.54 -8.66
CA HIS B 201 31.22 11.95 -8.49
C HIS B 201 32.06 12.57 -7.38
N GLU B 202 32.37 11.80 -6.34
CA GLU B 202 33.22 12.32 -5.28
C GLU B 202 34.62 12.66 -5.78
N ILE B 203 35.10 11.91 -6.77
CA ILE B 203 36.44 12.15 -7.31
C ILE B 203 36.48 13.49 -8.06
N THR B 204 35.56 13.67 -9.02
CA THR B 204 35.58 14.88 -9.83
C THR B 204 35.20 16.11 -9.03
N ALA B 205 34.28 15.96 -8.07
CA ALA B 205 33.90 17.08 -7.21
C ALA B 205 34.91 17.33 -6.10
N GLY B 206 35.95 16.52 -5.99
CA GLY B 206 36.99 16.75 -5.01
C GLY B 206 36.55 16.58 -3.58
N ILE B 207 35.55 15.74 -3.33
CA ILE B 207 35.05 15.51 -1.98
C ILE B 207 35.28 14.05 -1.61
N ASP B 208 35.25 13.78 -0.30
CA ASP B 208 35.37 12.41 0.20
C ASP B 208 34.57 12.34 1.49
N LEU B 209 33.39 11.75 1.42
CA LEU B 209 32.47 11.74 2.55
C LEU B 209 32.95 10.77 3.62
N PRO B 210 32.88 11.15 4.90
CA PRO B 210 33.15 10.20 5.98
C PRO B 210 31.94 9.29 6.20
N ASP B 211 32.19 8.19 6.93
CA ASP B 211 31.13 7.23 7.21
C ASP B 211 29.97 7.86 7.98
N SER B 212 30.27 8.84 8.83
CA SER B 212 29.20 9.51 9.57
C SER B 212 28.22 10.21 8.63
N ALA B 213 28.74 10.87 7.60
CA ALA B 213 27.87 11.56 6.65
C ALA B 213 27.11 10.57 5.78
N ARG B 214 27.75 9.47 5.39
CA ARG B 214 27.09 8.44 4.59
C ARG B 214 26.00 7.71 5.37
N SER B 215 25.94 7.87 6.68
CA SER B 215 24.91 7.25 7.50
C SER B 215 23.69 8.16 7.70
N LEU B 216 23.76 9.41 7.28
CA LEU B 216 22.64 10.33 7.41
C LEU B 216 21.44 9.79 6.64
N PRO B 217 20.26 9.69 7.26
CA PRO B 217 19.11 9.11 6.55
C PRO B 217 18.74 9.87 5.29
N ALA B 218 18.75 11.20 5.34
CA ALA B 218 18.35 11.98 4.18
C ALA B 218 19.35 11.87 3.04
N TYR B 219 20.64 11.68 3.34
CA TYR B 219 21.61 11.46 2.28
C TYR B 219 21.44 10.07 1.66
N ILE B 220 21.16 9.06 2.49
CA ILE B 220 20.89 7.73 1.97
C ILE B 220 19.63 7.75 1.10
N ALA B 221 18.60 8.49 1.53
CA ALA B 221 17.39 8.62 0.72
C ALA B 221 17.67 9.37 -0.56
N LEU B 222 18.52 10.39 -0.51
CA LEU B 222 18.85 11.15 -1.71
C LEU B 222 19.62 10.28 -2.71
N ARG B 223 20.54 9.44 -2.21
CA ARG B 223 21.25 8.52 -3.09
C ARG B 223 20.29 7.58 -3.79
N ASN B 224 19.41 6.92 -3.02
CA ASN B 224 18.48 5.97 -3.61
C ASN B 224 17.51 6.65 -4.56
N ALA B 225 17.03 7.84 -4.20
CA ALA B 225 16.10 8.56 -5.07
C ALA B 225 16.74 8.91 -6.40
N VAL B 226 18.01 9.34 -6.37
CA VAL B 226 18.72 9.60 -7.61
C VAL B 226 18.91 8.30 -8.39
N THR B 227 19.16 7.20 -7.68
CA THR B 227 19.35 5.92 -8.35
C THR B 227 18.03 5.34 -8.86
N ASP B 228 16.97 5.43 -8.04
CA ASP B 228 15.67 4.92 -8.45
C ASP B 228 15.14 5.64 -9.69
N HIS B 229 15.35 6.95 -9.76
CA HIS B 229 14.91 7.69 -10.93
C HIS B 229 15.67 7.26 -12.19
N SER B 230 16.94 6.88 -12.04
CA SER B 230 17.70 6.44 -13.20
C SER B 230 17.26 5.07 -13.67
N GLY B 231 17.08 4.13 -12.72
CA GLY B 231 16.66 2.79 -13.10
C GLY B 231 15.28 2.76 -13.72
N LEU B 232 14.35 3.55 -13.19
CA LEU B 232 13.00 3.59 -13.74
C LEU B 232 12.98 4.26 -15.10
N CYS B 233 13.66 5.43 -15.22
CA CYS B 233 13.71 6.11 -16.50
C CYS B 233 14.38 5.27 -17.57
N ASN B 234 15.34 4.44 -17.18
CA ASN B 234 15.97 3.53 -18.13
C ASN B 234 14.98 2.50 -18.67
N ASP B 235 14.00 2.10 -17.84
CA ASP B 235 13.03 1.12 -18.28
C ASP B 235 11.88 1.74 -19.07
N ILE B 236 11.52 2.99 -18.76
CA ILE B 236 10.45 3.65 -19.52
C ILE B 236 10.87 3.87 -20.96
N CYS B 237 12.17 4.06 -21.21
CA CYS B 237 12.68 4.26 -22.56
C CYS B 237 13.09 2.95 -23.24
N SER B 238 12.75 1.81 -22.64
CA SER B 238 13.03 0.50 -23.21
C SER B 238 11.77 -0.37 -23.18
N PHE B 239 10.62 0.25 -23.49
CA PHE B 239 9.36 -0.48 -23.40
C PHE B 239 9.28 -1.63 -24.39
N GLU B 240 9.95 -1.51 -25.54
CA GLU B 240 9.95 -2.56 -26.53
C GLU B 240 11.25 -3.37 -26.47
N HIS B 249 11.92 -8.84 -17.45
CA HIS B 249 12.42 -8.22 -16.22
C HIS B 249 12.52 -6.71 -16.38
N ASN B 250 11.42 -6.09 -16.80
CA ASN B 250 11.34 -4.65 -16.98
C ASN B 250 10.31 -4.08 -16.03
N ALA B 251 10.62 -2.92 -15.44
CA ALA B 251 9.72 -2.33 -14.45
C ALA B 251 8.38 -1.95 -15.07
N VAL B 252 8.36 -1.61 -16.36
CA VAL B 252 7.10 -1.31 -17.04
C VAL B 252 6.28 -2.57 -17.23
N ARG B 253 6.94 -3.67 -17.62
CA ARG B 253 6.23 -4.94 -17.79
C ARG B 253 5.66 -5.43 -16.47
N LEU B 254 6.38 -5.19 -15.36
CA LEU B 254 5.88 -5.61 -14.06
C LEU B 254 4.67 -4.79 -13.63
N ILE B 255 4.60 -3.52 -14.04
CA ILE B 255 3.43 -2.70 -13.73
C ILE B 255 2.22 -3.20 -14.50
N GLN B 256 2.39 -3.53 -15.78
CA GLN B 256 1.28 -4.05 -16.57
C GLN B 256 0.82 -5.41 -16.05
N ARG B 257 1.77 -6.26 -15.65
CA ARG B 257 1.41 -7.59 -15.16
C ARG B 257 0.86 -7.57 -13.75
N ASP B 258 1.09 -6.47 -13.00
CA ASP B 258 0.51 -6.33 -11.67
C ASP B 258 -0.90 -5.74 -11.68
N ARG B 259 -1.30 -5.09 -12.78
CA ARG B 259 -2.62 -4.49 -12.85
C ARG B 259 -3.43 -4.91 -14.07
N GLY B 260 -2.85 -5.70 -14.97
CA GLY B 260 -3.59 -6.16 -16.13
C GLY B 260 -4.00 -5.06 -17.09
N SER B 261 -3.23 -3.98 -17.14
CA SER B 261 -3.56 -2.86 -18.01
C SER B 261 -3.00 -3.08 -19.41
N THR B 262 -3.21 -2.10 -20.28
CA THR B 262 -2.60 -2.13 -21.60
C THR B 262 -1.18 -1.59 -21.52
N LEU B 263 -0.44 -1.75 -22.62
CA LEU B 263 0.94 -1.30 -22.65
C LEU B 263 1.03 0.21 -22.49
N GLN B 264 0.09 0.95 -23.09
CA GLN B 264 0.10 2.40 -22.96
C GLN B 264 -0.23 2.85 -21.55
N GLU B 265 -1.16 2.15 -20.89
CA GLU B 265 -1.54 2.52 -19.53
C GLU B 265 -0.42 2.22 -18.53
N ALA B 266 0.30 1.12 -18.73
CA ALA B 266 1.45 0.83 -17.87
C ALA B 266 2.58 1.82 -18.12
N VAL B 267 2.75 2.28 -19.36
CA VAL B 267 3.78 3.27 -19.65
C VAL B 267 3.45 4.58 -18.97
N ASP B 268 2.19 4.99 -18.98
CA ASP B 268 1.78 6.21 -18.29
C ASP B 268 1.87 6.07 -16.78
N GLU B 269 1.62 4.87 -16.25
CA GLU B 269 1.75 4.66 -14.82
C GLU B 269 3.20 4.74 -14.37
N ALA B 270 4.13 4.27 -15.20
CA ALA B 270 5.55 4.39 -14.88
C ALA B 270 5.98 5.85 -14.84
N GLY B 271 5.42 6.68 -15.72
CA GLY B 271 5.74 8.10 -15.70
C GLY B 271 5.25 8.79 -14.44
N ILE B 272 4.08 8.38 -13.94
CA ILE B 272 3.57 8.95 -12.69
C ILE B 272 4.43 8.49 -11.51
N GLN B 273 4.78 7.20 -11.47
CA GLN B 273 5.68 6.73 -10.44
C GLN B 273 7.05 7.39 -10.54
N LEU B 274 7.49 7.73 -11.76
CA LEU B 274 8.73 8.46 -11.92
C LEU B 274 8.61 9.86 -11.34
N ALA B 275 7.45 10.49 -11.50
CA ALA B 275 7.24 11.82 -10.93
C ALA B 275 7.32 11.78 -9.40
N ARG B 276 6.78 10.74 -8.79
CA ARG B 276 6.86 10.61 -7.34
C ARG B 276 8.29 10.39 -6.86
N ILE B 277 9.14 9.78 -7.70
CA ILE B 277 10.54 9.64 -7.34
C ILE B 277 11.25 10.98 -7.41
N ALA B 278 10.97 11.78 -8.44
CA ALA B 278 11.56 13.12 -8.54
C ALA B 278 11.15 14.00 -7.37
N GLU B 279 9.92 13.84 -6.87
CA GLU B 279 9.52 14.56 -5.67
C GLU B 279 10.31 14.10 -4.45
N ARG B 280 10.67 12.82 -4.40
CA ARG B 280 11.48 12.32 -3.30
C ARG B 280 12.87 12.97 -3.30
N VAL B 281 13.42 13.22 -4.49
CA VAL B 281 14.71 13.90 -4.59
C VAL B 281 14.63 15.28 -3.96
N GLN B 282 13.55 16.01 -4.25
CA GLN B 282 13.38 17.35 -3.68
C GLN B 282 13.19 17.29 -2.17
N ARG B 283 12.47 16.28 -1.68
CA ARG B 283 12.26 16.17 -0.24
C ARG B 283 13.55 15.77 0.48
N ALA B 284 14.35 14.90 -0.16
CA ALA B 284 15.60 14.48 0.47
C ALA B 284 16.61 15.62 0.54
N GLU B 285 16.63 16.50 -0.47
CA GLU B 285 17.49 17.67 -0.40
C GLU B 285 17.12 18.56 0.78
N ARG B 286 15.82 18.80 0.96
CA ARG B 286 15.37 19.63 2.07
C ARG B 286 15.71 18.98 3.42
N GLU B 287 15.56 17.67 3.52
CA GLU B 287 15.84 16.98 4.78
C GLU B 287 17.33 16.85 5.03
N LEU B 288 18.15 16.78 3.98
CA LEU B 288 19.58 16.71 4.18
C LEU B 288 20.13 18.06 4.65
N ILE B 289 19.58 19.16 4.13
CA ILE B 289 20.00 20.48 4.60
C ILE B 289 19.63 20.65 6.08
N GLU B 290 18.45 20.18 6.47
CA GLU B 290 18.05 20.26 7.87
C GLU B 290 18.90 19.36 8.75
N GLU B 291 19.32 18.20 8.24
CA GLU B 291 20.17 17.31 9.03
C GLU B 291 21.58 17.86 9.17
N ILE B 292 22.09 18.53 8.13
CA ILE B 292 23.38 19.19 8.23
C ILE B 292 23.35 20.24 9.34
N GLU B 293 22.29 21.05 9.36
CA GLU B 293 22.17 22.08 10.38
C GLU B 293 21.95 21.49 11.76
N ALA B 294 21.12 20.46 11.87
CA ALA B 294 20.79 19.92 13.18
C ALA B 294 21.97 19.15 13.79
N ALA B 295 22.86 18.65 12.95
CA ALA B 295 24.01 17.87 13.41
C ALA B 295 25.24 18.72 13.67
N GLY B 296 25.18 20.03 13.40
CA GLY B 296 26.35 20.86 13.56
C GLY B 296 27.48 20.54 12.60
N ILE B 297 27.18 19.88 11.48
CA ILE B 297 28.21 19.53 10.52
C ILE B 297 28.75 20.77 9.85
N ASP B 298 30.06 20.95 9.88
CA ASP B 298 30.71 22.08 9.22
C ASP B 298 31.99 21.57 8.56
N GLY B 299 32.81 22.49 8.07
CA GLY B 299 34.06 22.15 7.44
C GLY B 299 33.87 21.45 6.11
N PRO B 300 34.84 20.62 5.73
CA PRO B 300 34.73 19.91 4.44
C PRO B 300 33.52 19.00 4.35
N THR B 301 33.10 18.38 5.45
CA THR B 301 31.96 17.48 5.40
C THR B 301 30.69 18.21 5.01
N ARG B 302 30.50 19.43 5.52
CA ARG B 302 29.33 20.21 5.14
C ARG B 302 29.41 20.61 3.67
N THR B 303 30.57 21.11 3.24
CA THR B 303 30.72 21.49 1.83
C THR B 303 30.60 20.27 0.91
N ALA B 304 30.94 19.09 1.40
CA ALA B 304 30.81 17.88 0.60
C ALA B 304 29.35 17.50 0.43
N LEU B 305 28.59 17.50 1.54
CA LEU B 305 27.17 17.19 1.46
C LEU B 305 26.41 18.23 0.67
N GLU B 306 26.74 19.52 0.87
CA GLU B 306 26.09 20.57 0.09
C GLU B 306 26.47 20.48 -1.38
N ARG B 307 27.64 19.93 -1.69
CA ARG B 307 27.99 19.69 -3.08
C ARG B 307 27.08 18.64 -3.70
N CYS B 308 26.73 17.61 -2.92
CA CYS B 308 25.82 16.58 -3.41
C CYS B 308 24.41 17.13 -3.58
N VAL B 309 23.96 17.98 -2.64
CA VAL B 309 22.65 18.61 -2.76
C VAL B 309 22.56 19.42 -4.04
N ARG B 310 23.68 20.02 -4.46
CA ARG B 310 23.69 20.86 -5.66
C ARG B 310 23.78 20.03 -6.93
N ASP B 311 24.63 19.00 -6.94
CA ASP B 311 24.93 18.27 -8.17
C ASP B 311 23.96 17.14 -8.48
N TYR B 312 23.38 16.51 -7.45
CA TYR B 312 22.53 15.35 -7.69
C TYR B 312 21.28 15.70 -8.50
N ARG B 313 20.83 16.96 -8.45
CA ARG B 313 19.76 17.39 -9.35
C ARG B 313 20.18 17.23 -10.80
N GLY B 314 21.38 17.69 -11.14
CA GLY B 314 21.85 17.61 -12.51
C GLY B 314 22.14 16.18 -12.95
N LEU B 315 22.54 15.32 -12.02
CA LEU B 315 22.74 13.92 -12.35
C LEU B 315 21.43 13.26 -12.77
N VAL B 316 20.35 13.53 -12.03
CA VAL B 316 19.04 13.03 -12.43
C VAL B 316 18.64 13.61 -13.78
N ARG B 317 18.83 14.93 -13.94
CA ARG B 317 18.50 15.57 -15.22
C ARG B 317 19.43 15.12 -16.33
N GLY B 318 20.72 14.95 -16.02
CA GLY B 318 21.66 14.49 -17.04
C GLY B 318 21.37 13.08 -17.50
N ASP B 319 21.04 12.19 -16.56
CA ASP B 319 20.63 10.84 -16.93
C ASP B 319 19.30 10.84 -17.66
N PHE B 320 18.41 11.76 -17.33
CA PHE B 320 17.11 11.84 -17.99
C PHE B 320 17.27 12.30 -19.44
N ASP B 321 18.19 13.22 -19.69
CA ASP B 321 18.41 13.69 -21.06
C ASP B 321 19.09 12.64 -21.93
N TYR B 322 19.82 11.70 -21.33
CA TYR B 322 20.45 10.66 -22.13
C TYR B 322 19.45 9.60 -22.58
N HIS B 323 18.54 9.19 -21.68
CA HIS B 323 17.64 8.09 -22.00
C HIS B 323 16.48 8.52 -22.89
N ALA B 324 16.02 9.78 -22.78
CA ALA B 324 14.76 10.18 -23.39
C ALA B 324 14.87 11.38 -24.31
N ARG B 325 16.07 11.78 -24.72
CA ARG B 325 16.23 12.95 -25.58
C ARG B 325 17.14 12.65 -26.75
N ALA B 326 16.75 13.15 -27.93
CA ALA B 326 17.56 13.07 -29.13
C ALA B 326 18.27 14.38 -29.43
N GLU B 327 18.42 15.25 -28.44
CA GLU B 327 19.08 16.54 -28.60
C GLU B 327 20.54 16.51 -28.19
N ARG B 328 21.11 15.34 -27.97
CA ARG B 328 22.52 15.17 -27.63
C ARG B 328 22.89 15.94 -26.36
N ILE C 18 2.69 29.04 -2.07
CA ILE C 18 2.33 27.74 -2.60
C ILE C 18 2.08 27.82 -4.10
N THR C 19 2.69 26.89 -4.84
CA THR C 19 2.56 26.83 -6.30
C THR C 19 1.75 25.61 -6.68
N LEU C 20 0.77 25.80 -7.55
CA LEU C 20 -0.03 24.67 -8.03
C LEU C 20 0.84 23.75 -8.89
N PRO C 21 0.67 22.44 -8.77
CA PRO C 21 1.54 21.52 -9.53
C PRO C 21 1.16 21.50 -10.99
N ALA C 22 2.05 20.89 -11.78
CA ALA C 22 1.80 20.69 -13.20
C ALA C 22 0.73 19.61 -13.36
N PHE C 23 -0.50 20.04 -13.58
CA PHE C 23 -1.61 19.10 -13.66
C PHE C 23 -1.55 18.28 -14.94
N HIS C 24 -1.83 16.98 -14.81
CA HIS C 24 -1.95 16.08 -15.95
C HIS C 24 -3.40 16.09 -16.41
N MET C 25 -3.67 16.78 -17.52
CA MET C 25 -5.03 16.94 -18.03
C MET C 25 -5.07 16.54 -19.50
N PRO C 26 -5.23 15.25 -19.79
CA PRO C 26 -5.30 14.80 -21.19
C PRO C 26 -6.72 14.82 -21.74
N PHE C 27 -7.59 15.62 -21.12
CA PHE C 27 -9.00 15.68 -21.50
C PHE C 27 -9.28 17.02 -22.19
N GLN C 28 -9.80 16.95 -23.41
CA GLN C 28 -10.15 18.17 -24.14
C GLN C 28 -11.38 18.82 -23.55
N SER C 29 -11.47 20.14 -23.72
CA SER C 29 -12.59 20.91 -23.18
C SER C 29 -13.79 20.82 -24.11
N ALA C 30 -14.96 20.60 -23.52
CA ALA C 30 -16.22 20.61 -24.27
C ALA C 30 -16.76 22.01 -24.47
N GLY C 31 -16.07 23.04 -23.99
CA GLY C 31 -16.52 24.40 -24.14
C GLY C 31 -17.32 24.90 -22.96
N CYS C 32 -17.69 26.17 -23.05
CA CYS C 32 -18.49 26.84 -22.03
C CYS C 32 -19.81 27.28 -22.65
N HIS C 33 -20.90 27.06 -21.92
CA HIS C 33 -22.22 27.37 -22.43
C HIS C 33 -22.35 28.86 -22.72
N PRO C 34 -22.89 29.24 -23.89
CA PRO C 34 -23.05 30.67 -24.19
C PRO C 34 -24.10 31.37 -23.34
N GLY C 35 -24.91 30.64 -22.59
CA GLY C 35 -25.90 31.25 -21.73
C GLY C 35 -25.45 31.37 -20.28
N LEU C 36 -24.16 31.65 -20.08
CA LEU C 36 -23.63 31.78 -18.73
C LEU C 36 -24.19 33.03 -18.05
N ALA C 37 -24.26 34.15 -18.76
CA ALA C 37 -24.82 35.36 -18.16
C ALA C 37 -26.33 35.23 -17.97
N GLU C 38 -27.01 34.60 -18.93
CA GLU C 38 -28.46 34.45 -18.82
C GLU C 38 -28.85 33.51 -17.68
N THR C 39 -28.04 32.48 -17.42
CA THR C 39 -28.39 31.55 -16.36
C THR C 39 -28.09 32.13 -14.98
N ARG C 40 -27.11 33.02 -14.86
CA ARG C 40 -26.93 33.76 -13.63
C ARG C 40 -28.07 34.75 -13.44
N GLU C 41 -28.55 35.32 -14.54
CA GLU C 41 -29.69 36.23 -14.48
C GLU C 41 -30.93 35.53 -13.95
N ALA C 42 -31.11 34.25 -14.30
CA ALA C 42 -32.29 33.52 -13.87
C ALA C 42 -32.12 32.94 -12.46
N ALA C 43 -30.89 32.61 -12.07
CA ALA C 43 -30.66 32.02 -10.75
C ALA C 43 -31.02 33.00 -9.64
N TRP C 44 -30.48 34.22 -9.72
CA TRP C 44 -30.82 35.24 -8.73
C TRP C 44 -32.28 35.65 -8.84
N GLU C 45 -32.84 35.62 -10.05
CA GLU C 45 -34.28 35.87 -10.21
C GLU C 45 -35.09 34.77 -9.53
N TRP C 46 -34.65 33.51 -9.67
CA TRP C 46 -35.33 32.42 -9.00
C TRP C 46 -35.18 32.52 -7.48
N ALA C 47 -33.99 32.89 -7.01
CA ALA C 47 -33.77 32.99 -5.57
C ALA C 47 -34.60 34.10 -4.95
N ALA C 48 -34.79 35.20 -5.68
CA ALA C 48 -35.62 36.30 -5.17
C ALA C 48 -37.09 35.93 -5.20
N ALA C 49 -37.53 35.19 -6.22
CA ALA C 49 -38.92 34.78 -6.31
C ALA C 49 -39.27 33.77 -5.23
N GLU C 50 -38.33 32.87 -4.90
CA GLU C 50 -38.55 31.86 -3.88
C GLU C 50 -38.43 32.40 -2.46
N GLY C 51 -38.24 33.71 -2.29
CA GLY C 51 -38.09 34.26 -0.96
C GLY C 51 -36.75 34.01 -0.31
N LEU C 52 -35.80 33.42 -1.04
CA LEU C 52 -34.47 33.15 -0.50
C LEU C 52 -33.74 34.47 -0.31
N ASP C 53 -33.74 34.98 0.91
CA ASP C 53 -33.05 36.23 1.23
C ASP C 53 -31.64 35.91 1.71
N LEU C 54 -30.64 36.49 1.05
CA LEU C 54 -29.25 36.23 1.36
C LEU C 54 -28.63 37.45 2.04
N SER C 55 -27.71 37.20 2.96
CA SER C 55 -26.95 38.27 3.58
C SER C 55 -25.82 38.70 2.66
N VAL C 56 -25.15 39.78 3.03
CA VAL C 56 -24.07 40.34 2.22
C VAL C 56 -22.89 39.38 2.14
N PRO C 57 -22.42 38.77 3.25
CA PRO C 57 -21.35 37.77 3.11
C PRO C 57 -21.76 36.54 2.33
N ALA C 58 -23.03 36.14 2.44
CA ALA C 58 -23.51 35.02 1.63
C ALA C 58 -23.63 35.41 0.17
N ARG C 59 -24.13 36.62 -0.10
CA ARG C 59 -24.21 37.10 -1.47
C ARG C 59 -22.83 37.34 -2.05
N ARG C 60 -21.90 37.85 -1.23
CA ARG C 60 -20.53 38.07 -1.70
C ARG C 60 -19.84 36.76 -2.04
N LYS C 61 -20.01 35.74 -1.19
CA LYS C 61 -19.43 34.42 -1.49
C LYS C 61 -20.05 33.83 -2.74
N MET C 62 -21.36 34.03 -2.93
CA MET C 62 -22.03 33.46 -4.09
C MET C 62 -21.51 34.08 -5.39
N ILE C 63 -21.32 35.39 -5.41
CA ILE C 63 -20.76 36.04 -6.60
C ILE C 63 -19.33 35.58 -6.83
N ARG C 64 -18.57 35.38 -5.75
CA ARG C 64 -17.20 34.89 -5.89
C ARG C 64 -17.19 33.45 -6.38
N THR C 65 -18.10 32.62 -5.86
CA THR C 65 -18.11 31.20 -6.22
C THR C 65 -18.51 31.01 -7.68
N ARG C 66 -19.41 31.85 -8.19
CA ARG C 66 -19.90 31.80 -9.56
C ARG C 66 -20.50 30.44 -9.87
N PRO C 67 -21.69 30.11 -9.35
CA PRO C 67 -22.34 28.85 -9.72
C PRO C 67 -22.71 28.80 -11.19
N GLU C 68 -22.85 29.96 -11.84
CA GLU C 68 -23.18 29.97 -13.25
C GLU C 68 -22.01 29.52 -14.11
N LEU C 69 -20.78 29.68 -13.61
CA LEU C 69 -19.60 29.28 -14.37
C LEU C 69 -19.38 27.77 -14.31
N TRP C 70 -19.50 27.18 -13.13
CA TRP C 70 -19.33 25.73 -13.02
C TRP C 70 -20.43 24.99 -13.77
N ILE C 71 -21.67 25.49 -13.70
CA ILE C 71 -22.78 24.81 -14.37
C ILE C 71 -22.66 24.94 -15.88
N SER C 72 -22.02 26.00 -16.37
CA SER C 72 -21.85 26.19 -17.81
C SER C 72 -20.67 25.41 -18.35
N LEU C 73 -19.68 25.10 -17.51
CA LEU C 73 -18.57 24.26 -17.94
C LEU C 73 -18.91 22.78 -17.89
N ILE C 74 -19.82 22.40 -17.01
CA ILE C 74 -20.21 20.99 -16.85
C ILE C 74 -21.26 20.59 -17.88
N PHE C 75 -22.23 21.46 -18.18
CA PHE C 75 -23.28 21.19 -19.16
C PHE C 75 -23.24 22.26 -20.24
N PRO C 76 -22.24 22.22 -21.13
CA PRO C 76 -22.09 23.29 -22.12
C PRO C 76 -23.05 23.17 -23.31
N GLN C 77 -23.79 22.07 -23.42
CA GLN C 77 -24.70 21.85 -24.55
C GLN C 77 -26.15 21.75 -24.13
N ALA C 78 -26.48 22.10 -22.88
CA ALA C 78 -27.83 21.92 -22.39
C ALA C 78 -28.74 23.04 -22.87
N THR C 79 -30.04 22.74 -22.93
CA THR C 79 -31.02 23.77 -23.21
C THR C 79 -30.99 24.84 -22.12
N GLN C 80 -31.45 26.04 -22.48
CA GLN C 80 -31.46 27.12 -21.51
C GLN C 80 -32.30 26.78 -20.29
N ALA C 81 -33.38 26.03 -20.46
CA ALA C 81 -34.23 25.65 -19.34
C ALA C 81 -33.51 24.69 -18.40
N HIS C 82 -32.82 23.68 -18.96
CA HIS C 82 -32.09 22.74 -18.12
C HIS C 82 -30.95 23.44 -17.39
N LEU C 83 -30.22 24.31 -18.08
CA LEU C 83 -29.10 25.02 -17.46
C LEU C 83 -29.59 25.87 -16.28
N ASP C 84 -30.75 26.51 -16.43
CA ASP C 84 -31.27 27.32 -15.34
C ASP C 84 -31.67 26.45 -14.15
N LEU C 85 -32.43 25.39 -14.41
CA LEU C 85 -32.82 24.47 -13.34
C LEU C 85 -31.60 23.88 -12.65
N PHE C 86 -30.60 23.48 -13.42
CA PHE C 86 -29.39 22.91 -12.83
C PHE C 86 -28.65 23.95 -12.01
N CYS C 87 -28.54 25.18 -12.52
CA CYS C 87 -27.87 26.24 -11.79
C CYS C 87 -28.63 26.59 -10.51
N GLN C 88 -29.96 26.53 -10.54
CA GLN C 88 -30.73 26.81 -9.34
C GLN C 88 -30.59 25.70 -8.30
N TRP C 89 -30.36 24.46 -8.74
CA TRP C 89 -29.98 23.40 -7.80
C TRP C 89 -28.66 23.74 -7.13
N LEU C 90 -27.68 24.23 -7.90
CA LEU C 90 -26.37 24.54 -7.35
C LEU C 90 -26.42 25.77 -6.46
N PHE C 91 -27.23 26.76 -6.84
CA PHE C 91 -27.45 27.93 -5.98
C PHE C 91 -28.04 27.50 -4.64
N TRP C 92 -29.05 26.62 -4.68
CA TRP C 92 -29.65 26.13 -3.45
C TRP C 92 -28.66 25.30 -2.64
N ALA C 93 -27.83 24.50 -3.32
CA ALA C 93 -26.89 23.64 -2.61
C ALA C 93 -25.81 24.45 -1.89
N PHE C 94 -25.39 25.57 -2.49
CA PHE C 94 -24.39 26.41 -1.84
C PHE C 94 -24.95 27.10 -0.60
N LEU C 95 -26.25 27.40 -0.60
CA LEU C 95 -26.87 27.99 0.59
C LEU C 95 -26.98 26.97 1.71
N VAL C 96 -27.24 25.71 1.38
CA VAL C 96 -27.26 24.65 2.39
C VAL C 96 -25.89 24.52 3.05
N ASP C 97 -24.83 24.64 2.25
CA ASP C 97 -23.47 24.48 2.76
C ASP C 97 -23.12 25.57 3.77
N ASP C 98 -23.60 26.80 3.55
CA ASP C 98 -23.30 27.88 4.49
C ASP C 98 -23.94 27.64 5.84
N GLU C 99 -25.07 26.93 5.88
CA GLU C 99 -25.76 26.72 7.14
C GLU C 99 -25.02 25.78 8.07
N PHE C 100 -24.10 24.95 7.55
CA PHE C 100 -23.43 23.94 8.34
C PHE C 100 -21.94 24.23 8.52
N ASP C 101 -21.53 25.47 8.28
CA ASP C 101 -20.17 25.93 8.59
C ASP C 101 -20.06 27.45 8.42
N ALA C 105 -23.04 27.01 15.54
CA ALA C 105 -24.46 26.70 15.67
C ALA C 105 -24.85 25.57 14.73
N GLY C 106 -24.05 25.37 13.68
CA GLY C 106 -24.31 24.32 12.72
C GLY C 106 -23.45 23.09 12.93
N ARG C 107 -22.39 23.23 13.72
CA ARG C 107 -21.49 22.11 13.99
C ARG C 107 -22.00 21.18 15.09
N ASP C 108 -23.10 21.54 15.74
CA ASP C 108 -23.66 20.67 16.78
C ASP C 108 -24.30 19.45 16.15
N PRO C 109 -23.97 18.23 16.60
CA PRO C 109 -24.55 17.03 15.96
C PRO C 109 -26.05 16.95 16.08
N LEU C 110 -26.59 17.15 17.29
CA LEU C 110 -28.04 17.10 17.48
C LEU C 110 -28.74 18.15 16.61
N MET C 111 -28.19 19.36 16.57
CA MET C 111 -28.76 20.41 15.73
C MET C 111 -28.68 20.04 14.25
N CYS C 112 -27.54 19.47 13.83
CA CYS C 112 -27.38 19.08 12.44
C CYS C 112 -28.24 17.89 12.08
N GLU C 113 -28.47 16.97 13.01
CA GLU C 113 -29.30 15.81 12.73
C GLU C 113 -30.74 16.23 12.45
N ARG C 114 -31.28 17.15 13.26
CA ARG C 114 -32.65 17.63 13.03
C ARG C 114 -32.75 18.42 11.73
N ALA C 115 -31.73 19.21 11.42
CA ALA C 115 -31.78 20.05 10.22
C ALA C 115 -31.73 19.21 8.95
N ILE C 116 -30.86 18.20 8.92
CA ILE C 116 -30.74 17.36 7.74
C ILE C 116 -32.00 16.50 7.56
N ALA C 117 -32.52 15.94 8.65
CA ALA C 117 -33.70 15.08 8.57
C ALA C 117 -34.89 15.86 8.01
N ARG C 118 -35.04 17.11 8.44
CA ARG C 118 -36.14 17.93 7.93
C ARG C 118 -36.01 18.16 6.43
N LEU C 119 -34.78 18.39 5.96
CA LEU C 119 -34.56 18.59 4.53
C LEU C 119 -34.83 17.32 3.74
N VAL C 120 -34.41 16.17 4.28
CA VAL C 120 -34.66 14.89 3.60
C VAL C 120 -36.16 14.59 3.59
N ASP C 121 -36.86 14.89 4.68
CA ASP C 121 -38.30 14.68 4.72
C ASP C 121 -39.02 15.56 3.70
N VAL C 122 -38.62 16.83 3.61
CA VAL C 122 -39.23 17.73 2.63
C VAL C 122 -39.02 17.19 1.22
N PHE C 123 -37.80 16.70 0.93
CA PHE C 123 -37.55 16.05 -0.36
C PHE C 123 -38.41 14.81 -0.54
N ASP C 124 -38.70 14.09 0.54
CA ASP C 124 -39.51 12.88 0.48
C ASP C 124 -41.01 13.17 0.56
N GLY C 125 -41.41 14.43 0.57
CA GLY C 125 -42.82 14.79 0.51
C GLY C 125 -43.35 15.55 1.71
N ALA C 126 -42.56 15.78 2.75
CA ALA C 126 -43.05 16.55 3.90
C ALA C 126 -43.36 17.98 3.50
N ALA C 127 -44.37 18.54 4.14
CA ALA C 127 -44.84 19.89 3.81
C ALA C 127 -43.73 20.91 3.98
N PRO C 128 -43.37 21.67 2.94
CA PRO C 128 -42.28 22.64 3.08
C PRO C 128 -42.67 23.79 4.01
N ASN C 129 -41.72 24.21 4.83
CA ASN C 129 -42.00 25.26 5.80
C ASN C 129 -41.32 26.57 5.41
N GLY C 130 -40.01 26.62 5.58
CA GLY C 130 -39.26 27.82 5.29
C GLY C 130 -39.07 28.01 3.79
N PRO C 131 -38.39 29.11 3.45
CA PRO C 131 -38.12 29.37 2.03
C PRO C 131 -37.18 28.35 1.41
N MET C 132 -36.20 27.87 2.16
CA MET C 132 -35.30 26.84 1.64
C MET C 132 -36.05 25.54 1.39
N GLU C 133 -37.03 25.21 2.23
CA GLU C 133 -37.79 24.00 2.03
C GLU C 133 -38.78 24.15 0.89
N ARG C 134 -39.36 25.35 0.71
CA ARG C 134 -40.20 25.60 -0.45
C ARG C 134 -39.39 25.57 -1.73
N ALA C 135 -38.15 26.07 -1.68
CA ALA C 135 -37.30 26.02 -2.85
C ALA C 135 -36.93 24.60 -3.21
N LEU C 136 -36.67 23.76 -2.19
CA LEU C 136 -36.33 22.36 -2.45
C LEU C 136 -37.50 21.59 -3.04
N ALA C 137 -38.71 21.91 -2.61
CA ALA C 137 -39.89 21.23 -3.14
C ALA C 137 -40.09 21.55 -4.62
N GLY C 138 -40.00 22.83 -4.99
CA GLY C 138 -40.15 23.21 -6.37
C GLY C 138 -39.03 22.67 -7.24
N LEU C 139 -37.81 22.62 -6.71
CA LEU C 139 -36.70 22.02 -7.45
C LEU C 139 -36.94 20.55 -7.70
N ARG C 140 -37.53 19.84 -6.73
CA ARG C 140 -37.80 18.43 -6.89
C ARG C 140 -38.87 18.18 -7.94
N ASP C 141 -39.92 19.00 -7.94
CA ASP C 141 -41.01 18.81 -8.90
C ASP C 141 -40.53 19.01 -10.33
N ARG C 142 -39.71 20.04 -10.57
CA ARG C 142 -39.24 20.34 -11.92
C ARG C 142 -38.18 19.35 -12.41
N THR C 143 -37.60 18.55 -11.52
CA THR C 143 -36.50 17.66 -11.88
C THR C 143 -36.91 16.21 -11.94
N CYS C 144 -37.66 15.73 -10.94
CA CYS C 144 -37.88 14.30 -10.77
C CYS C 144 -39.08 13.77 -11.54
N ARG C 145 -40.09 14.60 -11.79
CA ARG C 145 -41.30 14.12 -12.45
C ARG C 145 -41.00 13.64 -13.86
N GLY C 146 -41.59 12.51 -14.23
CA GLY C 146 -41.44 11.94 -15.55
C GLY C 146 -40.26 11.01 -15.71
N ARG C 147 -39.36 10.93 -14.74
CA ARG C 147 -38.18 10.10 -14.86
C ARG C 147 -38.42 8.72 -14.26
N SER C 148 -37.55 7.79 -14.63
CA SER C 148 -37.74 6.38 -14.29
C SER C 148 -37.57 6.16 -12.79
N PRO C 149 -38.11 5.05 -12.27
CA PRO C 149 -37.85 4.71 -10.87
C PRO C 149 -36.37 4.49 -10.58
N GLN C 150 -35.61 3.95 -11.53
CA GLN C 150 -34.18 3.76 -11.32
C GLN C 150 -33.45 5.11 -11.19
N TRP C 151 -33.91 6.12 -11.91
CA TRP C 151 -33.25 7.43 -11.83
C TRP C 151 -33.56 8.11 -10.51
N ASN C 152 -34.84 8.16 -10.14
CA ASN C 152 -35.22 8.74 -8.85
C ASN C 152 -34.55 8.03 -7.70
N ARG C 153 -34.36 6.71 -7.81
CA ARG C 153 -33.68 5.95 -6.78
C ARG C 153 -32.19 6.32 -6.71
N GLN C 154 -31.56 6.50 -7.86
CA GLN C 154 -30.15 6.91 -7.88
C GLN C 154 -30.01 8.38 -7.50
N PHE C 155 -30.97 9.23 -7.90
CA PHE C 155 -30.88 10.64 -7.57
C PHE C 155 -31.12 10.89 -6.09
N ARG C 156 -32.07 10.16 -5.49
CA ARG C 156 -32.31 10.32 -4.06
C ARG C 156 -31.13 9.81 -3.25
N ARG C 157 -30.51 8.71 -3.68
CA ARG C 157 -29.37 8.17 -2.96
C ARG C 157 -28.21 9.16 -2.94
N ASP C 158 -27.96 9.83 -4.06
CA ASP C 158 -26.85 10.78 -4.14
C ASP C 158 -27.16 12.08 -3.39
N THR C 159 -28.40 12.57 -3.51
CA THR C 159 -28.77 13.78 -2.78
C THR C 159 -28.79 13.53 -1.27
N ALA C 160 -29.37 12.40 -0.84
CA ALA C 160 -29.42 12.11 0.59
C ALA C 160 -28.04 11.85 1.15
N ALA C 161 -27.17 11.19 0.39
CA ALA C 161 -25.81 10.95 0.86
C ALA C 161 -25.05 12.25 1.06
N TRP C 162 -25.25 13.22 0.16
CA TRP C 162 -24.60 14.51 0.32
C TRP C 162 -25.10 15.23 1.58
N LEU C 163 -26.41 15.20 1.81
CA LEU C 163 -26.96 15.89 2.98
C LEU C 163 -26.47 15.26 4.28
N TRP C 164 -26.32 13.93 4.30
CA TRP C 164 -25.93 13.26 5.53
C TRP C 164 -24.43 13.35 5.82
N THR C 165 -23.62 13.80 4.87
CA THR C 165 -22.20 13.98 5.15
C THR C 165 -21.97 15.10 6.15
N TYR C 166 -22.84 16.11 6.17
CA TYR C 166 -22.74 17.17 7.17
C TYR C 166 -22.89 16.59 8.57
N TYR C 167 -23.83 15.66 8.75
CA TYR C 167 -24.03 15.05 10.06
C TYR C 167 -22.86 14.12 10.40
N ALA C 168 -22.33 13.40 9.42
CA ALA C 168 -21.22 12.49 9.68
C ALA C 168 -19.97 13.26 10.09
N GLU C 169 -19.71 14.39 9.44
CA GLU C 169 -18.55 15.20 9.82
C GLU C 169 -18.73 15.80 11.21
N ALA C 170 -19.96 16.18 11.57
CA ALA C 170 -20.20 16.74 12.88
C ALA C 170 -20.01 15.69 13.98
N VAL C 171 -20.50 14.48 13.75
CA VAL C 171 -20.34 13.41 14.74
C VAL C 171 -18.88 13.00 14.85
N GLU C 172 -18.18 12.93 13.72
CA GLU C 172 -16.78 12.53 13.73
C GLU C 172 -15.91 13.59 14.40
N ARG C 173 -16.25 14.87 14.22
CA ARG C 173 -15.48 15.96 14.83
C ARG C 173 -15.75 16.09 16.32
N ALA C 174 -16.96 15.77 16.77
CA ALA C 174 -17.28 15.83 18.19
C ALA C 174 -16.68 14.68 18.98
N ALA C 175 -16.37 13.56 18.32
CA ALA C 175 -15.80 12.41 18.99
C ALA C 175 -14.28 12.40 18.95
N GLY C 176 -13.65 13.46 18.45
CA GLY C 176 -12.21 13.50 18.35
C GLY C 176 -11.61 12.49 17.40
N GLN C 177 -12.38 12.03 16.43
CA GLN C 177 -11.93 11.02 15.47
C GLN C 177 -11.59 11.67 14.14
N VAL C 178 -10.46 11.25 13.56
CA VAL C 178 -10.04 11.75 12.26
C VAL C 178 -10.16 10.62 11.25
N PRO C 179 -10.57 10.90 10.01
CA PRO C 179 -10.64 9.84 9.00
C PRO C 179 -9.29 9.53 8.40
N SER C 180 -9.12 8.28 7.99
CA SER C 180 -7.91 7.84 7.33
C SER C 180 -7.93 8.31 5.87
N ARG C 181 -6.96 7.87 5.08
CA ARG C 181 -6.94 8.23 3.66
C ARG C 181 -8.02 7.48 2.89
N ALA C 182 -8.30 6.24 3.27
CA ALA C 182 -9.34 5.46 2.59
C ALA C 182 -10.74 5.94 2.97
N GLU C 183 -10.98 6.20 4.25
CA GLU C 183 -12.28 6.67 4.69
C GLU C 183 -12.59 8.06 4.14
N PHE C 184 -11.57 8.88 3.91
CA PHE C 184 -11.78 10.19 3.33
C PHE C 184 -12.14 10.10 1.85
N ALA C 185 -11.72 9.02 1.19
CA ALA C 185 -12.02 8.86 -0.24
C ALA C 185 -13.51 8.65 -0.47
N LYS C 186 -14.13 7.75 0.29
CA LYS C 186 -15.56 7.55 0.15
C LYS C 186 -16.36 8.74 0.69
N HIS C 187 -15.83 9.42 1.70
CA HIS C 187 -16.55 10.54 2.29
C HIS C 187 -16.49 11.79 1.40
N ARG C 188 -15.42 11.92 0.60
CA ARG C 188 -15.33 13.05 -0.32
C ARG C 188 -16.20 12.86 -1.55
N ARG C 189 -16.61 11.61 -1.84
CA ARG C 189 -17.48 11.37 -3.00
C ARG C 189 -18.87 11.94 -2.77
N ASP C 190 -19.51 11.59 -1.65
CA ASP C 190 -20.85 12.07 -1.39
C ASP C 190 -20.86 13.56 -1.08
N SER C 191 -19.81 14.08 -0.45
CA SER C 191 -19.76 15.48 -0.06
C SER C 191 -19.41 16.42 -1.21
N VAL C 192 -19.03 15.88 -2.37
CA VAL C 192 -18.71 16.71 -3.52
C VAL C 192 -19.95 16.82 -4.40
N ALA C 193 -19.93 17.80 -5.30
CA ALA C 193 -21.09 18.10 -6.13
C ALA C 193 -21.22 17.18 -7.34
N MET C 194 -20.18 16.42 -7.69
CA MET C 194 -20.15 15.73 -8.97
C MET C 194 -21.23 14.65 -9.06
N GLN C 195 -21.41 13.88 -7.99
CA GLN C 195 -22.33 12.74 -8.07
C GLN C 195 -23.77 13.14 -8.32
N PRO C 196 -24.38 14.09 -7.60
CA PRO C 196 -25.77 14.45 -7.90
C PRO C 196 -25.94 15.09 -9.27
N PHE C 197 -24.89 15.68 -9.85
CA PHE C 197 -25.00 16.26 -11.17
C PHE C 197 -24.82 15.24 -12.28
N LEU C 198 -24.26 14.07 -11.97
CA LEU C 198 -24.25 12.98 -12.95
C LEU C 198 -25.67 12.49 -13.24
N CYS C 199 -26.55 12.56 -12.24
CA CYS C 199 -27.96 12.28 -12.49
C CYS C 199 -28.59 13.34 -13.38
N LEU C 200 -28.25 14.61 -13.13
CA LEU C 200 -28.73 15.69 -13.98
C LEU C 200 -28.11 15.64 -15.38
N HIS C 201 -26.96 14.98 -15.52
CA HIS C 201 -26.40 14.76 -16.85
C HIS C 201 -27.29 13.83 -17.68
N GLU C 202 -27.94 12.87 -17.03
CA GLU C 202 -28.85 11.99 -17.77
C GLU C 202 -30.07 12.73 -18.27
N ILE C 203 -30.43 13.84 -17.62
CA ILE C 203 -31.59 14.62 -18.05
C ILE C 203 -31.26 15.42 -19.30
N THR C 204 -30.10 16.09 -19.31
CA THR C 204 -29.74 16.93 -20.44
C THR C 204 -29.24 16.10 -21.64
N ALA C 205 -28.66 14.93 -21.38
CA ALA C 205 -28.20 14.09 -22.48
C ALA C 205 -29.32 13.26 -23.09
N GLY C 206 -30.48 13.22 -22.47
CA GLY C 206 -31.59 12.43 -22.98
C GLY C 206 -31.36 10.94 -22.90
N ILE C 207 -30.77 10.47 -21.80
CA ILE C 207 -30.47 9.06 -21.62
C ILE C 207 -31.09 8.60 -20.30
N ASP C 208 -31.17 7.29 -20.13
CA ASP C 208 -31.67 6.70 -18.89
C ASP C 208 -31.10 5.29 -18.79
N LEU C 209 -30.07 5.12 -17.97
CA LEU C 209 -29.41 3.83 -17.84
C LEU C 209 -30.26 2.90 -16.98
N PRO C 210 -30.54 1.69 -17.43
CA PRO C 210 -31.20 0.70 -16.57
C PRO C 210 -30.27 0.26 -15.45
N ASP C 211 -30.85 -0.45 -14.48
CA ASP C 211 -30.08 -0.88 -13.33
C ASP C 211 -28.97 -1.85 -13.73
N SER C 212 -29.17 -2.62 -14.80
CA SER C 212 -28.10 -3.48 -15.29
C SER C 212 -26.93 -2.66 -15.81
N ALA C 213 -27.21 -1.55 -16.50
CA ALA C 213 -26.14 -0.68 -16.95
C ALA C 213 -25.43 -0.02 -15.78
N ARG C 214 -26.18 0.29 -14.71
CA ARG C 214 -25.59 0.92 -13.54
C ARG C 214 -24.75 -0.05 -12.71
N SER C 215 -24.90 -1.36 -12.94
CA SER C 215 -24.16 -2.37 -12.19
C SER C 215 -22.90 -2.84 -12.91
N LEU C 216 -22.60 -2.28 -14.08
CA LEU C 216 -21.37 -2.63 -14.77
C LEU C 216 -20.17 -2.13 -13.97
N PRO C 217 -19.16 -2.96 -13.71
CA PRO C 217 -18.03 -2.51 -12.88
C PRO C 217 -17.26 -1.36 -13.51
N ALA C 218 -17.08 -1.36 -14.83
CA ALA C 218 -16.33 -0.28 -15.46
C ALA C 218 -17.12 1.02 -15.43
N TYR C 219 -18.44 0.95 -15.56
CA TYR C 219 -19.25 2.16 -15.45
C TYR C 219 -19.21 2.72 -14.03
N ILE C 220 -19.21 1.84 -13.04
CA ILE C 220 -19.07 2.28 -11.64
C ILE C 220 -17.73 2.98 -11.45
N ALA C 221 -16.65 2.37 -11.93
CA ALA C 221 -15.34 2.97 -11.80
C ALA C 221 -15.25 4.30 -12.52
N LEU C 222 -15.99 4.45 -13.63
CA LEU C 222 -15.96 5.71 -14.36
C LEU C 222 -16.67 6.81 -13.58
N ARG C 223 -17.78 6.48 -12.92
CA ARG C 223 -18.47 7.45 -12.08
C ARG C 223 -17.61 7.87 -10.90
N ASN C 224 -17.00 6.88 -10.22
CA ASN C 224 -16.15 7.18 -9.07
C ASN C 224 -14.94 8.00 -9.48
N ALA C 225 -14.32 7.67 -10.62
CA ALA C 225 -13.14 8.40 -11.06
C ALA C 225 -13.46 9.83 -11.42
N VAL C 226 -14.60 10.07 -12.09
CA VAL C 226 -15.03 11.43 -12.36
C VAL C 226 -15.33 12.16 -11.07
N THR C 227 -15.90 11.46 -10.09
CA THR C 227 -16.20 12.06 -8.80
C THR C 227 -14.93 12.33 -8.00
N ASP C 228 -14.01 11.35 -7.96
CA ASP C 228 -12.80 11.52 -7.18
C ASP C 228 -11.93 12.64 -7.73
N HIS C 229 -11.92 12.81 -9.06
CA HIS C 229 -11.11 13.87 -9.65
C HIS C 229 -11.65 15.25 -9.29
N SER C 230 -12.98 15.38 -9.18
CA SER C 230 -13.55 16.66 -8.80
C SER C 230 -13.27 16.98 -7.33
N GLY C 231 -13.41 15.98 -6.45
CA GLY C 231 -13.21 16.24 -5.03
C GLY C 231 -11.78 16.59 -4.69
N LEU C 232 -10.83 15.83 -5.24
CA LEU C 232 -9.42 16.09 -4.95
C LEU C 232 -8.96 17.42 -5.55
N CYS C 233 -9.33 17.69 -6.79
CA CYS C 233 -8.96 18.96 -7.42
C CYS C 233 -9.57 20.15 -6.70
N ASN C 234 -10.78 19.98 -6.16
CA ASN C 234 -11.38 21.04 -5.35
C ASN C 234 -10.59 21.28 -4.06
N ASP C 235 -9.95 20.24 -3.53
CA ASP C 235 -9.12 20.40 -2.34
C ASP C 235 -7.75 20.96 -2.67
N ILE C 236 -7.21 20.65 -3.86
CA ILE C 236 -5.90 21.16 -4.23
C ILE C 236 -5.96 22.68 -4.42
N CYS C 237 -6.99 23.16 -5.10
CA CYS C 237 -7.17 24.58 -5.34
C CYS C 237 -7.65 25.35 -4.10
N SER C 238 -7.75 24.68 -2.96
CA SER C 238 -8.12 25.32 -1.69
C SER C 238 -6.96 25.40 -0.72
N PHE C 239 -6.27 24.29 -0.46
CA PHE C 239 -5.14 24.27 0.45
C PHE C 239 -3.93 24.97 -0.14
N HIS C 249 -10.49 19.18 7.33
CA HIS C 249 -10.47 17.88 6.67
C HIS C 249 -10.29 18.04 5.17
N ASN C 250 -9.08 18.43 4.76
CA ASN C 250 -8.72 18.59 3.37
C ASN C 250 -7.86 17.42 2.92
N ALA C 251 -8.01 17.04 1.65
CA ALA C 251 -7.22 15.93 1.11
C ALA C 251 -5.74 16.25 1.15
N VAL C 252 -5.37 17.49 0.80
CA VAL C 252 -3.96 17.88 0.86
C VAL C 252 -3.48 17.94 2.30
N ARG C 253 -4.34 18.35 3.23
CA ARG C 253 -3.96 18.43 4.63
C ARG C 253 -3.68 17.05 5.20
N LEU C 254 -4.45 16.04 4.77
CA LEU C 254 -4.21 14.68 5.25
C LEU C 254 -2.93 14.09 4.65
N ILE C 255 -2.41 14.66 3.58
CA ILE C 255 -1.16 14.18 3.00
C ILE C 255 0.03 14.72 3.80
N GLN C 256 -0.01 16.00 4.17
CA GLN C 256 1.04 16.55 5.02
C GLN C 256 1.05 15.88 6.40
N ARG C 257 -0.13 15.50 6.89
CA ARG C 257 -0.21 14.84 8.20
C ARG C 257 0.34 13.42 8.14
N ASP C 258 -0.06 12.65 7.12
CA ASP C 258 0.33 11.26 7.02
C ASP C 258 1.77 11.07 6.54
N ARG C 259 2.46 12.14 6.14
CA ARG C 259 3.81 12.03 5.61
C ARG C 259 4.79 13.02 6.21
N GLY C 260 4.33 13.94 7.06
CA GLY C 260 5.23 14.89 7.68
C GLY C 260 5.93 15.82 6.71
N SER C 261 5.39 16.00 5.51
CA SER C 261 6.00 16.83 4.50
C SER C 261 5.71 18.30 4.76
N THR C 262 6.18 19.16 3.86
CA THR C 262 5.86 20.58 3.91
C THR C 262 4.54 20.83 3.19
N LEU C 263 4.11 22.09 3.20
CA LEU C 263 2.86 22.44 2.51
C LEU C 263 3.00 22.26 1.01
N GLN C 264 4.12 22.68 0.43
CA GLN C 264 4.31 22.57 -1.02
C GLN C 264 4.49 21.11 -1.44
N GLU C 265 5.21 20.32 -0.64
CA GLU C 265 5.42 18.91 -0.99
C GLU C 265 4.12 18.13 -0.96
N ALA C 266 3.19 18.46 -0.06
CA ALA C 266 1.90 17.80 -0.05
C ALA C 266 1.06 18.21 -1.25
N VAL C 267 1.22 19.44 -1.74
CA VAL C 267 0.48 19.88 -2.91
C VAL C 267 0.92 19.13 -4.15
N ASP C 268 2.25 19.02 -4.34
CA ASP C 268 2.77 18.31 -5.50
C ASP C 268 2.42 16.82 -5.46
N GLU C 269 2.41 16.22 -4.26
CA GLU C 269 1.95 14.85 -4.13
C GLU C 269 0.47 14.72 -4.44
N ALA C 270 -0.33 15.73 -4.09
CA ALA C 270 -1.75 15.70 -4.42
C ALA C 270 -1.97 15.72 -5.93
N GLY C 271 -1.21 16.53 -6.65
CA GLY C 271 -1.31 16.54 -8.09
C GLY C 271 -0.91 15.22 -8.73
N ILE C 272 -0.01 14.48 -8.07
CA ILE C 272 0.37 13.16 -8.56
C ILE C 272 -0.77 12.18 -8.37
N GLN C 273 -1.44 12.23 -7.23
CA GLN C 273 -2.61 11.38 -7.01
C GLN C 273 -3.74 11.75 -7.96
N LEU C 274 -3.87 13.04 -8.29
CA LEU C 274 -4.88 13.46 -9.26
C LEU C 274 -4.56 12.92 -10.66
N ALA C 275 -3.27 12.75 -10.97
CA ALA C 275 -2.91 12.19 -12.27
C ALA C 275 -3.33 10.73 -12.36
N ARG C 276 -3.23 9.98 -11.26
CA ARG C 276 -3.70 8.60 -11.27
C ARG C 276 -5.20 8.52 -11.47
N ILE C 277 -5.95 9.43 -10.85
CA ILE C 277 -7.39 9.48 -11.02
C ILE C 277 -7.74 9.74 -12.48
N ALA C 278 -7.00 10.64 -13.13
CA ALA C 278 -7.20 10.89 -14.54
C ALA C 278 -6.94 9.63 -15.37
N GLU C 279 -5.88 8.90 -15.03
CA GLU C 279 -5.61 7.64 -15.71
C GLU C 279 -6.68 6.61 -15.42
N ARG C 280 -7.29 6.67 -14.23
CA ARG C 280 -8.40 5.77 -13.91
C ARG C 280 -9.61 6.05 -14.81
N VAL C 281 -9.82 7.31 -15.19
CA VAL C 281 -10.92 7.64 -16.09
C VAL C 281 -10.69 6.98 -17.45
N GLN C 282 -9.46 7.08 -17.97
CA GLN C 282 -9.15 6.50 -19.28
C GLN C 282 -9.23 4.99 -19.24
N ARG C 283 -8.76 4.36 -18.16
CA ARG C 283 -8.87 2.91 -18.04
C ARG C 283 -10.33 2.49 -17.90
N ALA C 284 -11.13 3.29 -17.20
CA ALA C 284 -12.53 2.92 -16.96
C ALA C 284 -13.37 3.03 -18.23
N GLU C 285 -13.04 3.96 -19.12
CA GLU C 285 -13.82 4.06 -20.35
C GLU C 285 -13.35 3.06 -21.40
N ARG C 286 -12.09 2.63 -21.34
CA ARG C 286 -11.67 1.50 -22.17
C ARG C 286 -12.36 0.22 -21.74
N GLU C 287 -12.37 -0.04 -20.43
CA GLU C 287 -13.03 -1.24 -19.92
C GLU C 287 -14.53 -1.21 -20.14
N LEU C 288 -15.14 -0.02 -20.10
CA LEU C 288 -16.58 0.08 -20.32
C LEU C 288 -16.93 -0.21 -21.78
N ILE C 289 -16.08 0.22 -22.71
CA ILE C 289 -16.29 -0.12 -24.11
C ILE C 289 -16.19 -1.62 -24.32
N GLU C 290 -15.23 -2.26 -23.63
CA GLU C 290 -15.11 -3.71 -23.71
C GLU C 290 -16.31 -4.40 -23.07
N GLU C 291 -16.85 -3.83 -21.98
CA GLU C 291 -17.98 -4.46 -21.31
C GLU C 291 -19.25 -4.32 -22.12
N ILE C 292 -19.44 -3.20 -22.81
CA ILE C 292 -20.59 -3.04 -23.70
C ILE C 292 -20.54 -4.11 -24.80
N GLU C 293 -19.38 -4.28 -25.42
CA GLU C 293 -19.24 -5.25 -26.49
C GLU C 293 -19.32 -6.69 -25.96
N ALA C 294 -18.86 -6.93 -24.73
CA ALA C 294 -18.86 -8.28 -24.20
C ALA C 294 -20.23 -8.68 -23.66
N ALA C 295 -21.04 -7.72 -23.23
CA ALA C 295 -22.37 -8.01 -22.72
C ALA C 295 -23.42 -8.03 -23.82
N GLY C 296 -23.06 -7.68 -25.05
CA GLY C 296 -24.05 -7.60 -26.12
C GLY C 296 -25.04 -6.48 -25.94
N ILE C 297 -24.64 -5.39 -25.29
CA ILE C 297 -25.52 -4.26 -25.03
C ILE C 297 -25.69 -3.49 -26.33
N ASP C 298 -26.94 -3.34 -26.78
CA ASP C 298 -27.27 -2.60 -27.99
C ASP C 298 -28.49 -1.71 -27.69
N GLY C 299 -28.94 -1.00 -28.72
CA GLY C 299 -30.12 -0.17 -28.62
C GLY C 299 -29.90 1.05 -27.75
N PRO C 300 -30.95 1.48 -27.05
CA PRO C 300 -30.85 2.70 -26.25
C PRO C 300 -29.87 2.59 -25.09
N THR C 301 -29.66 1.39 -24.55
CA THR C 301 -28.73 1.24 -23.43
C THR C 301 -27.28 1.43 -23.89
N ARG C 302 -26.94 0.94 -25.08
CA ARG C 302 -25.61 1.17 -25.61
C ARG C 302 -25.37 2.65 -25.89
N THR C 303 -26.35 3.31 -26.51
CA THR C 303 -26.22 4.75 -26.77
C THR C 303 -26.16 5.54 -25.47
N ALA C 304 -26.83 5.07 -24.42
CA ALA C 304 -26.77 5.76 -23.13
C ALA C 304 -25.41 5.59 -22.48
N LEU C 305 -24.82 4.39 -22.58
CA LEU C 305 -23.50 4.16 -21.99
C LEU C 305 -22.40 4.82 -22.81
N GLU C 306 -22.50 4.77 -24.13
CA GLU C 306 -21.49 5.42 -24.96
C GLU C 306 -21.57 6.94 -24.87
N ARG C 307 -22.75 7.47 -24.52
CA ARG C 307 -22.86 8.90 -24.26
C ARG C 307 -22.08 9.30 -23.02
N CYS C 308 -22.01 8.41 -22.02
CA CYS C 308 -21.23 8.70 -20.83
C CYS C 308 -19.74 8.66 -21.13
N VAL C 309 -19.30 7.69 -21.95
CA VAL C 309 -17.89 7.59 -22.31
C VAL C 309 -17.44 8.85 -23.06
N ARG C 310 -18.36 9.51 -23.75
CA ARG C 310 -18.01 10.73 -24.47
C ARG C 310 -18.01 11.95 -23.55
N ASP C 311 -19.02 12.07 -22.69
CA ASP C 311 -19.26 13.30 -21.95
C ASP C 311 -18.50 13.40 -20.63
N TYR C 312 -18.26 12.27 -19.96
CA TYR C 312 -17.64 12.33 -18.64
C TYR C 312 -16.25 12.95 -18.68
N ARG C 313 -15.55 12.80 -19.82
CA ARG C 313 -14.28 13.51 -20.01
C ARG C 313 -14.47 15.01 -19.86
N GLY C 314 -15.38 15.59 -20.63
CA GLY C 314 -15.61 17.02 -20.56
C GLY C 314 -16.10 17.47 -19.19
N LEU C 315 -16.79 16.59 -18.46
CA LEU C 315 -17.19 16.92 -17.10
C LEU C 315 -15.98 17.01 -16.19
N VAL C 316 -14.99 16.13 -16.38
CA VAL C 316 -13.75 16.23 -15.61
C VAL C 316 -12.98 17.49 -15.98
N ARG C 317 -12.81 17.73 -17.29
CA ARG C 317 -12.10 18.92 -17.75
C ARG C 317 -12.89 20.18 -17.41
N GLY C 318 -14.22 20.14 -17.55
CA GLY C 318 -15.03 21.29 -17.20
C GLY C 318 -14.94 21.64 -15.73
N ASP C 319 -14.99 20.63 -14.87
CA ASP C 319 -14.77 20.86 -13.45
C ASP C 319 -13.35 21.35 -13.19
N PHE C 320 -12.38 20.82 -13.92
CA PHE C 320 -10.99 21.23 -13.76
C PHE C 320 -10.80 22.68 -14.16
N ASP C 321 -11.42 23.11 -15.26
CA ASP C 321 -11.28 24.50 -15.69
C ASP C 321 -11.95 25.47 -14.74
N TYR C 322 -12.86 25.00 -13.89
CA TYR C 322 -13.55 25.88 -12.95
C TYR C 322 -12.69 26.15 -11.71
N HIS C 323 -12.25 25.08 -11.04
CA HIS C 323 -11.50 25.24 -9.80
C HIS C 323 -10.16 25.93 -10.02
N ALA C 324 -9.65 25.95 -11.25
CA ALA C 324 -8.38 26.61 -11.56
C ALA C 324 -8.56 27.99 -12.17
N ARG C 325 -9.56 28.17 -13.02
CA ARG C 325 -9.77 29.45 -13.69
C ARG C 325 -11.17 30.00 -13.42
N ILE D 18 -3.13 -30.03 2.59
CA ILE D 18 -3.18 -28.59 2.87
C ILE D 18 -3.99 -28.34 4.13
N THR D 19 -3.53 -27.40 4.95
CA THR D 19 -4.15 -27.08 6.23
C THR D 19 -4.74 -25.67 6.21
N LEU D 20 -5.63 -25.42 7.17
CA LEU D 20 -6.26 -24.13 7.44
C LEU D 20 -5.43 -23.35 8.48
N PRO D 21 -5.35 -22.04 8.34
CA PRO D 21 -4.50 -21.26 9.26
C PRO D 21 -5.16 -21.08 10.62
N ALA D 22 -4.32 -20.78 11.61
CA ALA D 22 -4.79 -20.48 12.96
C ALA D 22 -5.57 -19.19 12.92
N PHE D 23 -6.89 -19.28 12.97
CA PHE D 23 -7.75 -18.11 12.84
C PHE D 23 -7.75 -17.30 14.13
N HIS D 24 -7.78 -15.99 13.98
CA HIS D 24 -7.90 -15.07 15.12
C HIS D 24 -9.38 -14.79 15.33
N MET D 25 -9.98 -15.47 16.31
CA MET D 25 -11.41 -15.36 16.59
C MET D 25 -11.60 -14.98 18.05
N PRO D 26 -11.55 -13.68 18.37
CA PRO D 26 -11.80 -13.24 19.75
C PRO D 26 -13.27 -13.02 20.10
N PHE D 27 -14.20 -13.43 19.24
CA PHE D 27 -15.62 -13.19 19.44
C PHE D 27 -16.27 -14.47 19.98
N GLN D 28 -16.96 -14.34 21.11
CA GLN D 28 -17.59 -15.49 21.72
C GLN D 28 -18.86 -15.88 20.97
N SER D 29 -19.23 -17.15 21.10
CA SER D 29 -20.38 -17.70 20.39
C SER D 29 -21.68 -17.26 21.07
N ALA D 30 -22.61 -16.74 20.27
CA ALA D 30 -23.95 -16.45 20.76
C ALA D 30 -24.81 -17.69 20.86
N GLY D 31 -24.30 -18.85 20.47
CA GLY D 31 -25.04 -20.09 20.52
C GLY D 31 -25.62 -20.46 19.17
N CYS D 32 -26.29 -21.62 19.15
CA CYS D 32 -26.99 -22.10 17.98
C CYS D 32 -28.48 -22.25 18.32
N HIS D 33 -29.32 -22.01 17.31
CA HIS D 33 -30.76 -22.00 17.56
C HIS D 33 -31.26 -23.41 17.85
N PRO D 34 -32.13 -23.58 18.84
CA PRO D 34 -32.63 -24.93 19.15
C PRO D 34 -33.55 -25.50 18.08
N GLY D 35 -34.16 -24.66 17.25
CA GLY D 35 -35.09 -25.15 16.24
C GLY D 35 -34.43 -25.41 14.89
N LEU D 36 -33.17 -25.85 14.93
CA LEU D 36 -32.43 -26.09 13.68
C LEU D 36 -33.11 -27.17 12.85
N ALA D 37 -33.45 -28.30 13.47
CA ALA D 37 -34.13 -29.37 12.74
C ALA D 37 -35.52 -28.95 12.30
N GLU D 38 -36.17 -28.08 13.08
CA GLU D 38 -37.51 -27.64 12.73
C GLU D 38 -37.50 -26.67 11.56
N THR D 39 -36.58 -25.70 11.57
CA THR D 39 -36.50 -24.75 10.46
C THR D 39 -36.01 -25.42 9.18
N ARG D 40 -35.34 -26.57 9.29
CA ARG D 40 -34.99 -27.33 8.10
C ARG D 40 -36.23 -28.02 7.52
N GLU D 41 -37.03 -28.64 8.38
CA GLU D 41 -38.26 -29.28 7.92
C GLU D 41 -39.21 -28.26 7.31
N ALA D 42 -39.28 -27.06 7.90
CA ALA D 42 -40.14 -26.02 7.34
C ALA D 42 -39.60 -25.52 6.02
N ALA D 43 -38.28 -25.49 5.85
CA ALA D 43 -37.68 -24.96 4.62
C ALA D 43 -38.04 -25.83 3.42
N TRP D 44 -37.81 -27.14 3.54
CA TRP D 44 -38.16 -28.05 2.45
C TRP D 44 -39.66 -28.17 2.28
N GLU D 45 -40.43 -28.06 3.37
CA GLU D 45 -41.88 -28.01 3.24
C GLU D 45 -42.30 -26.75 2.49
N TRP D 46 -41.63 -25.63 2.75
CA TRP D 46 -41.91 -24.41 2.00
C TRP D 46 -41.51 -24.55 0.53
N ALA D 47 -40.39 -25.23 0.27
CA ALA D 47 -39.93 -25.40 -1.11
C ALA D 47 -40.89 -26.27 -1.91
N ALA D 48 -41.50 -27.27 -1.28
CA ALA D 48 -42.43 -28.14 -1.99
C ALA D 48 -43.73 -27.41 -2.32
N ALA D 49 -44.28 -26.68 -1.34
CA ALA D 49 -45.55 -25.98 -1.55
C ALA D 49 -45.40 -24.91 -2.64
N GLU D 50 -44.24 -24.25 -2.69
CA GLU D 50 -43.99 -23.25 -3.72
C GLU D 50 -43.73 -23.86 -5.09
N GLY D 51 -43.70 -25.19 -5.21
CA GLY D 51 -43.40 -25.81 -6.48
C GLY D 51 -41.94 -25.81 -6.85
N LEU D 52 -41.05 -25.53 -5.90
CA LEU D 52 -39.61 -25.51 -6.16
C LEU D 52 -39.13 -26.96 -6.26
N ASP D 53 -39.18 -27.50 -7.47
CA ASP D 53 -38.76 -28.88 -7.72
C ASP D 53 -37.26 -28.89 -7.97
N LEU D 54 -36.49 -29.38 -7.00
CA LEU D 54 -35.04 -29.44 -7.12
C LEU D 54 -34.60 -30.72 -7.80
N SER D 55 -33.47 -30.65 -8.50
CA SER D 55 -32.87 -31.83 -9.07
C SER D 55 -32.08 -32.58 -8.00
N VAL D 56 -31.76 -33.84 -8.29
CA VAL D 56 -31.00 -34.65 -7.34
C VAL D 56 -29.64 -34.04 -7.02
N PRO D 57 -28.86 -33.53 -7.98
CA PRO D 57 -27.62 -32.84 -7.60
C PRO D 57 -27.87 -31.59 -6.76
N ALA D 58 -28.89 -30.82 -7.08
CA ALA D 58 -29.22 -29.64 -6.27
C ALA D 58 -29.75 -30.05 -4.90
N ARG D 59 -30.50 -31.15 -4.85
CA ARG D 59 -31.03 -31.64 -3.58
C ARG D 59 -29.89 -32.04 -2.65
N ARG D 60 -28.91 -32.79 -3.16
CA ARG D 60 -27.76 -33.17 -2.34
C ARG D 60 -26.91 -31.97 -1.97
N LYS D 61 -26.79 -30.99 -2.87
CA LYS D 61 -26.01 -29.80 -2.56
C LYS D 61 -26.64 -28.99 -1.44
N MET D 62 -27.98 -28.84 -1.46
CA MET D 62 -28.66 -28.11 -0.40
C MET D 62 -28.53 -28.81 0.94
N ILE D 63 -28.62 -30.15 0.94
CA ILE D 63 -28.39 -30.90 2.17
C ILE D 63 -26.95 -30.72 2.64
N ARG D 64 -26.00 -30.79 1.70
CA ARG D 64 -24.60 -30.60 2.06
C ARG D 64 -24.33 -29.18 2.55
N THR D 65 -24.97 -28.20 1.93
CA THR D 65 -24.74 -26.81 2.31
C THR D 65 -25.27 -26.51 3.71
N ARG D 66 -26.35 -27.18 4.11
CA ARG D 66 -26.97 -27.02 5.42
C ARG D 66 -27.34 -25.57 5.66
N PRO D 67 -28.33 -25.02 4.95
CA PRO D 67 -28.71 -23.63 5.19
C PRO D 67 -29.34 -23.42 6.56
N GLU D 68 -29.97 -24.45 7.12
CA GLU D 68 -30.55 -24.33 8.45
C GLU D 68 -29.47 -24.13 9.51
N LEU D 69 -28.27 -24.68 9.29
CA LEU D 69 -27.20 -24.50 10.25
C LEU D 69 -26.66 -23.07 10.21
N TRP D 70 -26.49 -22.51 9.01
CA TRP D 70 -26.02 -21.15 8.89
C TRP D 70 -26.98 -20.17 9.57
N ILE D 71 -28.27 -20.27 9.24
CA ILE D 71 -29.25 -19.34 9.79
C ILE D 71 -29.43 -19.53 11.30
N SER D 72 -29.11 -20.70 11.84
CA SER D 72 -29.22 -20.92 13.27
C SER D 72 -28.04 -20.36 14.03
N LEU D 73 -26.86 -20.33 13.41
CA LEU D 73 -25.70 -19.70 14.03
C LEU D 73 -25.75 -18.19 13.92
N ILE D 74 -26.43 -17.66 12.91
CA ILE D 74 -26.53 -16.22 12.74
C ILE D 74 -27.59 -15.63 13.68
N PHE D 75 -28.75 -16.27 13.76
CA PHE D 75 -29.86 -15.80 14.58
C PHE D 75 -30.21 -16.87 15.62
N PRO D 76 -29.39 -17.01 16.67
CA PRO D 76 -29.64 -18.08 17.65
C PRO D 76 -30.80 -17.80 18.59
N GLN D 77 -31.16 -16.53 18.81
CA GLN D 77 -32.24 -16.18 19.72
C GLN D 77 -33.50 -15.71 19.01
N ALA D 78 -33.61 -15.94 17.70
CA ALA D 78 -34.77 -15.49 16.96
C ALA D 78 -35.97 -16.40 17.24
N THR D 79 -37.16 -15.84 17.05
CA THR D 79 -38.36 -16.66 17.16
C THR D 79 -38.40 -17.67 16.02
N GLN D 80 -39.16 -18.76 16.25
CA GLN D 80 -39.26 -19.79 15.23
C GLN D 80 -39.87 -19.25 13.94
N ALA D 81 -40.80 -18.30 14.05
CA ALA D 81 -41.40 -17.70 12.86
C ALA D 81 -40.37 -16.91 12.06
N HIS D 82 -39.48 -16.19 12.75
CA HIS D 82 -38.45 -15.44 12.05
C HIS D 82 -37.34 -16.34 11.53
N LEU D 83 -37.00 -17.39 12.28
CA LEU D 83 -35.96 -18.31 11.85
C LEU D 83 -36.37 -19.04 10.56
N ASP D 84 -37.64 -19.43 10.47
CA ASP D 84 -38.11 -20.12 9.26
C ASP D 84 -38.12 -19.17 8.07
N LEU D 85 -38.56 -17.93 8.26
CA LEU D 85 -38.58 -16.97 7.17
C LEU D 85 -37.16 -16.66 6.67
N PHE D 86 -36.20 -16.53 7.59
CA PHE D 86 -34.83 -16.26 7.19
C PHE D 86 -34.22 -17.45 6.47
N CYS D 87 -34.50 -18.67 6.96
CA CYS D 87 -33.95 -19.87 6.34
C CYS D 87 -34.50 -20.08 4.93
N GLN D 88 -35.75 -19.70 4.69
CA GLN D 88 -36.33 -19.84 3.35
C GLN D 88 -35.76 -18.79 2.40
N TRP D 89 -35.39 -17.62 2.90
CA TRP D 89 -34.65 -16.66 2.07
C TRP D 89 -33.32 -17.26 1.61
N LEU D 90 -32.57 -17.85 2.54
CA LEU D 90 -31.30 -18.45 2.19
C LEU D 90 -31.49 -19.67 1.29
N PHE D 91 -32.53 -20.46 1.55
CA PHE D 91 -32.86 -21.58 0.67
C PHE D 91 -33.15 -21.09 -0.74
N TRP D 92 -33.96 -20.04 -0.86
CA TRP D 92 -34.22 -19.44 -2.17
C TRP D 92 -32.96 -18.84 -2.76
N ALA D 93 -32.07 -18.31 -1.93
CA ALA D 93 -30.86 -17.68 -2.45
C ALA D 93 -29.90 -18.71 -3.03
N PHE D 94 -29.78 -19.88 -2.40
CA PHE D 94 -28.90 -20.92 -2.93
C PHE D 94 -29.40 -21.45 -4.28
N LEU D 95 -30.72 -21.49 -4.47
CA LEU D 95 -31.26 -21.89 -5.76
C LEU D 95 -30.95 -20.85 -6.84
N VAL D 96 -30.95 -19.57 -6.47
CA VAL D 96 -30.53 -18.54 -7.41
C VAL D 96 -29.07 -18.71 -7.79
N ASP D 97 -28.23 -19.09 -6.82
CA ASP D 97 -26.81 -19.25 -7.08
C ASP D 97 -26.55 -20.42 -8.02
N ASP D 98 -27.33 -21.50 -7.89
CA ASP D 98 -27.17 -22.64 -8.79
C ASP D 98 -27.46 -22.27 -10.24
N GLU D 99 -28.39 -21.34 -10.46
CA GLU D 99 -28.80 -21.02 -11.82
C GLU D 99 -27.85 -20.05 -12.51
N PHE D 100 -27.21 -19.15 -11.75
CA PHE D 100 -26.39 -18.10 -12.34
C PHE D 100 -24.90 -18.35 -12.22
N ASP D 101 -24.48 -19.40 -11.51
CA ASP D 101 -23.06 -19.75 -11.41
C ASP D 101 -22.71 -21.05 -12.11
N ASP D 102 -23.66 -21.97 -12.27
CA ASP D 102 -23.40 -23.20 -13.02
C ASP D 102 -24.54 -23.49 -13.99
N GLY D 103 -25.25 -22.46 -14.44
CA GLY D 103 -26.31 -22.62 -15.40
C GLY D 103 -26.00 -21.88 -16.69
N PRO D 104 -26.93 -21.93 -17.65
CA PRO D 104 -26.69 -21.25 -18.93
C PRO D 104 -26.65 -19.74 -18.81
N ALA D 105 -27.25 -19.16 -17.77
CA ALA D 105 -27.23 -17.71 -17.60
C ALA D 105 -25.86 -17.21 -17.12
N GLY D 106 -25.06 -18.08 -16.51
CA GLY D 106 -23.73 -17.68 -16.08
C GLY D 106 -22.78 -17.39 -17.22
N ARG D 107 -23.04 -17.93 -18.40
CA ARG D 107 -22.16 -17.70 -19.53
C ARG D 107 -22.68 -16.58 -20.44
N ASP D 108 -23.99 -16.54 -20.68
CA ASP D 108 -24.57 -15.54 -21.56
C ASP D 108 -24.98 -14.32 -20.75
N PRO D 109 -24.30 -13.17 -20.91
CA PRO D 109 -24.72 -11.98 -20.16
C PRO D 109 -26.09 -11.47 -20.56
N LEU D 110 -26.48 -11.64 -21.82
CA LEU D 110 -27.83 -11.25 -22.23
C LEU D 110 -28.89 -12.07 -21.50
N MET D 111 -28.60 -13.37 -21.27
CA MET D 111 -29.49 -14.19 -20.47
C MET D 111 -29.48 -13.73 -19.01
N CYS D 112 -28.30 -13.41 -18.47
CA CYS D 112 -28.21 -12.94 -17.10
C CYS D 112 -29.02 -11.66 -16.90
N GLU D 113 -28.94 -10.74 -17.86
CA GLU D 113 -29.64 -9.47 -17.73
C GLU D 113 -31.15 -9.68 -17.72
N ARG D 114 -31.66 -10.53 -18.61
CA ARG D 114 -33.10 -10.79 -18.65
C ARG D 114 -33.58 -11.47 -17.37
N ALA D 115 -32.79 -12.41 -16.84
CA ALA D 115 -33.24 -13.18 -15.70
C ALA D 115 -33.19 -12.36 -14.41
N ILE D 116 -32.09 -11.61 -14.21
CA ILE D 116 -31.97 -10.80 -12.99
C ILE D 116 -33.01 -9.69 -12.99
N ALA D 117 -33.14 -8.96 -14.10
CA ALA D 117 -34.12 -7.89 -14.15
C ALA D 117 -35.54 -8.40 -13.97
N ARG D 118 -35.78 -9.68 -14.29
CA ARG D 118 -37.09 -10.26 -14.05
C ARG D 118 -37.35 -10.45 -12.55
N LEU D 119 -36.35 -10.93 -11.81
CA LEU D 119 -36.52 -11.12 -10.38
C LEU D 119 -36.65 -9.80 -9.65
N VAL D 120 -35.89 -8.78 -10.09
CA VAL D 120 -35.99 -7.46 -9.46
C VAL D 120 -37.36 -6.85 -9.70
N ASP D 121 -37.90 -7.02 -10.91
CA ASP D 121 -39.24 -6.50 -11.20
C ASP D 121 -40.29 -7.16 -10.32
N VAL D 122 -40.18 -8.48 -10.14
CA VAL D 122 -41.10 -9.18 -9.24
C VAL D 122 -40.93 -8.66 -7.81
N PHE D 123 -39.68 -8.43 -7.40
CA PHE D 123 -39.43 -7.90 -6.07
C PHE D 123 -40.04 -6.51 -5.89
N ASP D 124 -40.06 -5.72 -6.96
CA ASP D 124 -40.62 -4.37 -6.89
C ASP D 124 -42.14 -4.34 -6.99
N GLY D 125 -42.76 -5.43 -7.45
CA GLY D 125 -44.21 -5.47 -7.47
C GLY D 125 -44.83 -6.13 -8.70
N ALA D 126 -44.01 -6.58 -9.63
CA ALA D 126 -44.55 -7.26 -10.81
C ALA D 126 -45.13 -8.61 -10.43
N ALA D 127 -46.21 -8.99 -11.10
CA ALA D 127 -46.87 -10.26 -10.80
C ALA D 127 -45.91 -11.42 -11.10
N PRO D 128 -45.74 -12.36 -10.17
CA PRO D 128 -44.79 -13.46 -10.40
C PRO D 128 -45.28 -14.39 -11.49
N ASN D 129 -44.32 -15.14 -12.04
CA ASN D 129 -44.62 -16.09 -13.11
C ASN D 129 -44.32 -17.51 -12.69
N GLY D 130 -43.03 -17.89 -12.74
CA GLY D 130 -42.64 -19.23 -12.40
C GLY D 130 -42.64 -19.45 -10.89
N PRO D 131 -42.27 -20.68 -10.48
CA PRO D 131 -42.22 -20.96 -9.04
C PRO D 131 -41.13 -20.18 -8.33
N MET D 132 -39.98 -19.95 -8.97
CA MET D 132 -38.93 -19.14 -8.35
C MET D 132 -39.37 -17.70 -8.16
N GLU D 133 -40.20 -17.18 -9.07
CA GLU D 133 -40.71 -15.83 -8.90
C GLU D 133 -41.82 -15.77 -7.86
N ARG D 134 -42.68 -16.80 -7.83
CA ARG D 134 -43.73 -16.84 -6.81
C ARG D 134 -43.15 -17.02 -5.42
N ALA D 135 -42.05 -17.77 -5.30
CA ALA D 135 -41.40 -17.92 -3.99
C ALA D 135 -40.80 -16.59 -3.53
N LEU D 136 -40.20 -15.84 -4.45
CA LEU D 136 -39.66 -14.53 -4.10
C LEU D 136 -40.76 -13.56 -3.74
N ALA D 137 -41.88 -13.58 -4.48
CA ALA D 137 -43.00 -12.71 -4.15
C ALA D 137 -43.57 -13.04 -2.78
N GLY D 138 -43.64 -14.33 -2.44
CA GLY D 138 -44.12 -14.71 -1.13
C GLY D 138 -43.16 -14.30 -0.02
N LEU D 139 -41.85 -14.44 -0.26
CA LEU D 139 -40.87 -14.05 0.75
C LEU D 139 -40.91 -12.55 1.01
N ARG D 140 -41.05 -11.75 -0.05
CA ARG D 140 -41.09 -10.30 0.11
C ARG D 140 -42.33 -9.85 0.88
N ASP D 141 -43.49 -10.47 0.61
CA ASP D 141 -44.70 -10.10 1.32
C ASP D 141 -44.57 -10.37 2.81
N ARG D 142 -43.97 -11.50 3.18
CA ARG D 142 -43.82 -11.86 4.59
C ARG D 142 -42.72 -11.07 5.28
N THR D 143 -41.84 -10.42 4.53
CA THR D 143 -40.68 -9.75 5.11
C THR D 143 -40.75 -8.23 5.04
N CYS D 144 -41.18 -7.67 3.90
CA CYS D 144 -41.06 -6.23 3.69
C CYS D 144 -42.30 -5.44 4.09
N ARG D 145 -43.45 -6.10 4.26
CA ARG D 145 -44.65 -5.38 4.66
C ARG D 145 -44.57 -5.02 6.14
N GLY D 146 -44.97 -3.80 6.47
CA GLY D 146 -44.92 -3.33 7.84
C GLY D 146 -43.57 -2.86 8.30
N ARG D 147 -42.68 -2.48 7.39
CA ARG D 147 -41.34 -2.03 7.70
C ARG D 147 -41.18 -0.55 7.35
N SER D 148 -40.21 0.08 7.98
CA SER D 148 -39.96 1.50 7.76
C SER D 148 -39.47 1.75 6.34
N PRO D 149 -39.70 2.94 5.80
CA PRO D 149 -39.14 3.26 4.47
C PRO D 149 -37.64 3.19 4.43
N GLN D 150 -36.95 3.46 5.54
CA GLN D 150 -35.50 3.34 5.57
C GLN D 150 -35.07 1.88 5.49
N TRP D 151 -35.81 0.98 6.14
CA TRP D 151 -35.46 -0.43 6.10
C TRP D 151 -35.69 -1.01 4.72
N ASN D 152 -36.81 -0.69 4.08
CA ASN D 152 -37.06 -1.18 2.73
C ASN D 152 -36.03 -0.63 1.75
N ARG D 153 -35.68 0.65 1.88
CA ARG D 153 -34.69 1.25 0.99
C ARG D 153 -33.32 0.59 1.16
N GLN D 154 -32.99 0.18 2.39
CA GLN D 154 -31.72 -0.50 2.61
C GLN D 154 -31.81 -1.98 2.24
N PHE D 155 -32.95 -2.62 2.49
CA PHE D 155 -33.08 -4.03 2.17
C PHE D 155 -33.11 -4.25 0.66
N ARG D 156 -33.79 -3.36 -0.07
CA ARG D 156 -33.77 -3.47 -1.53
C ARG D 156 -32.38 -3.18 -2.09
N ARG D 157 -31.66 -2.24 -1.46
CA ARG D 157 -30.31 -1.91 -1.93
C ARG D 157 -29.40 -3.14 -1.85
N ASP D 158 -29.36 -3.78 -0.68
CA ASP D 158 -28.47 -4.93 -0.51
C ASP D 158 -28.95 -6.14 -1.31
N THR D 159 -30.26 -6.31 -1.44
CA THR D 159 -30.79 -7.45 -2.18
C THR D 159 -30.54 -7.29 -3.68
N ALA D 160 -30.83 -6.10 -4.22
CA ALA D 160 -30.62 -5.87 -5.65
C ALA D 160 -29.14 -5.85 -5.99
N ALA D 161 -28.31 -5.33 -5.10
CA ALA D 161 -26.86 -5.34 -5.34
C ALA D 161 -26.34 -6.77 -5.45
N TRP D 162 -26.87 -7.68 -4.62
CA TRP D 162 -26.47 -9.08 -4.72
C TRP D 162 -26.95 -9.70 -6.02
N LEU D 163 -28.17 -9.38 -6.44
CA LEU D 163 -28.71 -9.97 -7.66
C LEU D 163 -27.94 -9.51 -8.90
N TRP D 164 -27.42 -8.28 -8.90
CA TRP D 164 -26.72 -7.76 -10.06
C TRP D 164 -25.25 -8.14 -10.10
N THR D 165 -24.70 -8.70 -9.02
CA THR D 165 -23.32 -9.18 -9.05
C THR D 165 -23.15 -10.37 -9.97
N TYR D 166 -24.21 -11.14 -10.22
CA TYR D 166 -24.13 -12.21 -11.19
C TYR D 166 -23.97 -11.66 -12.60
N TYR D 167 -24.68 -10.57 -12.91
CA TYR D 167 -24.57 -9.97 -14.24
C TYR D 167 -23.20 -9.33 -14.44
N ALA D 168 -22.71 -8.61 -13.43
CA ALA D 168 -21.40 -7.96 -13.55
C ALA D 168 -20.29 -8.98 -13.72
N GLU D 169 -20.34 -10.07 -12.96
CA GLU D 169 -19.33 -11.11 -13.10
C GLU D 169 -19.44 -11.83 -14.44
N ALA D 170 -20.64 -11.91 -15.00
CA ALA D 170 -20.80 -12.51 -16.32
C ALA D 170 -20.22 -11.62 -17.41
N VAL D 171 -20.34 -10.30 -17.24
CA VAL D 171 -19.78 -9.38 -18.23
C VAL D 171 -18.26 -9.30 -18.09
N GLU D 172 -17.75 -9.29 -16.86
CA GLU D 172 -16.30 -9.28 -16.67
C GLU D 172 -15.68 -10.57 -17.19
N ARG D 173 -16.37 -11.69 -17.02
CA ARG D 173 -15.88 -12.96 -17.58
C ARG D 173 -15.85 -12.90 -19.10
N ALA D 174 -16.95 -12.47 -19.71
CA ALA D 174 -17.04 -12.39 -21.16
C ALA D 174 -16.07 -11.38 -21.76
N ALA D 175 -15.63 -10.39 -20.99
CA ALA D 175 -14.70 -9.39 -21.50
C ALA D 175 -13.25 -9.74 -21.24
N GLY D 176 -12.97 -10.90 -20.64
CA GLY D 176 -11.61 -11.20 -20.25
C GLY D 176 -11.05 -10.30 -19.17
N GLN D 177 -11.92 -9.58 -18.47
CA GLN D 177 -11.49 -8.68 -17.39
C GLN D 177 -11.40 -9.46 -16.08
N VAL D 178 -10.31 -9.26 -15.37
CA VAL D 178 -10.10 -9.84 -14.05
C VAL D 178 -10.09 -8.71 -13.02
N PRO D 179 -10.85 -8.81 -11.93
CA PRO D 179 -10.81 -7.76 -10.92
C PRO D 179 -9.54 -7.82 -10.09
N SER D 180 -9.08 -6.65 -9.68
CA SER D 180 -7.92 -6.55 -8.82
C SER D 180 -8.30 -6.92 -7.39
N ARG D 181 -7.35 -6.78 -6.46
CA ARG D 181 -7.65 -7.10 -5.07
C ARG D 181 -8.56 -6.05 -4.45
N ALA D 182 -8.39 -4.78 -4.83
CA ALA D 182 -9.24 -3.72 -4.32
C ALA D 182 -10.63 -3.76 -4.95
N GLU D 183 -10.70 -4.02 -6.26
CA GLU D 183 -12.00 -4.08 -6.93
C GLU D 183 -12.83 -5.28 -6.46
N PHE D 184 -12.17 -6.38 -6.11
CA PHE D 184 -12.89 -7.57 -5.65
C PHE D 184 -13.39 -7.41 -4.22
N ALA D 185 -12.67 -6.65 -3.38
CA ALA D 185 -13.13 -6.43 -2.02
C ALA D 185 -14.44 -5.66 -1.99
N LYS D 186 -14.56 -4.63 -2.82
CA LYS D 186 -15.82 -3.91 -2.91
C LYS D 186 -16.92 -4.77 -3.51
N HIS D 187 -16.56 -5.66 -4.44
CA HIS D 187 -17.56 -6.51 -5.09
C HIS D 187 -17.99 -7.67 -4.20
N ARG D 188 -17.08 -8.19 -3.37
CA ARG D 188 -17.42 -9.33 -2.52
C ARG D 188 -18.45 -8.99 -1.46
N ARG D 189 -18.57 -7.71 -1.09
CA ARG D 189 -19.55 -7.32 -0.07
C ARG D 189 -20.97 -7.58 -0.54
N ASP D 190 -21.24 -7.33 -1.83
CA ASP D 190 -22.60 -7.51 -2.33
C ASP D 190 -22.91 -8.97 -2.64
N SER D 191 -21.93 -9.74 -3.10
CA SER D 191 -22.16 -11.12 -3.49
C SER D 191 -22.21 -12.08 -2.31
N VAL D 192 -21.86 -11.63 -1.10
CA VAL D 192 -21.88 -12.49 0.07
C VAL D 192 -23.19 -12.28 0.81
N ALA D 193 -23.57 -13.26 1.62
CA ALA D 193 -24.88 -13.28 2.25
C ALA D 193 -25.00 -12.35 3.44
N MET D 194 -23.91 -11.77 3.93
CA MET D 194 -23.96 -11.06 5.21
C MET D 194 -24.76 -9.77 5.10
N GLN D 195 -24.62 -9.03 4.01
CA GLN D 195 -25.28 -7.72 3.91
C GLN D 195 -26.79 -7.81 3.97
N PRO D 196 -27.48 -8.68 3.19
CA PRO D 196 -28.92 -8.81 3.41
C PRO D 196 -29.26 -9.44 4.76
N PHE D 197 -28.37 -10.27 5.31
CA PHE D 197 -28.61 -10.83 6.64
C PHE D 197 -28.67 -9.73 7.69
N LEU D 198 -27.85 -8.69 7.54
CA LEU D 198 -27.87 -7.59 8.51
C LEU D 198 -29.20 -6.85 8.49
N CYS D 199 -29.87 -6.83 7.34
CA CYS D 199 -31.21 -6.23 7.28
C CYS D 199 -32.22 -7.09 8.02
N LEU D 200 -32.14 -8.41 7.86
CA LEU D 200 -33.03 -9.30 8.60
C LEU D 200 -32.78 -9.22 10.10
N HIS D 201 -31.54 -8.91 10.50
CA HIS D 201 -31.22 -8.80 11.91
C HIS D 201 -32.03 -7.69 12.58
N GLU D 202 -32.27 -6.59 11.87
CA GLU D 202 -33.07 -5.51 12.43
C GLU D 202 -34.50 -5.98 12.73
N ILE D 203 -34.99 -6.96 11.97
CA ILE D 203 -36.33 -7.48 12.21
C ILE D 203 -36.35 -8.31 13.50
N THR D 204 -35.49 -9.32 13.57
CA THR D 204 -35.52 -10.24 14.71
C THR D 204 -35.08 -9.56 16.01
N ALA D 205 -34.24 -8.53 15.91
CA ALA D 205 -33.79 -7.81 17.10
C ALA D 205 -34.78 -6.75 17.56
N GLY D 206 -35.78 -6.42 16.75
CA GLY D 206 -36.77 -5.43 17.13
C GLY D 206 -36.25 -4.02 17.22
N ILE D 207 -35.36 -3.62 16.31
CA ILE D 207 -34.78 -2.29 16.30
C ILE D 207 -35.12 -1.61 14.99
N ASP D 208 -35.14 -0.28 15.02
CA ASP D 208 -35.26 0.52 13.81
C ASP D 208 -34.12 1.54 13.80
N LEU D 209 -33.38 1.59 12.69
CA LEU D 209 -32.26 2.49 12.56
C LEU D 209 -32.64 3.64 11.65
N PRO D 210 -32.63 4.89 12.13
CA PRO D 210 -32.87 6.02 11.24
C PRO D 210 -31.72 6.20 10.27
N ASP D 211 -31.98 6.98 9.21
CA ASP D 211 -30.94 7.24 8.22
C ASP D 211 -29.76 7.98 8.83
N SER D 212 -30.00 8.79 9.86
CA SER D 212 -28.90 9.45 10.55
C SER D 212 -27.96 8.42 11.19
N ALA D 213 -28.52 7.33 11.71
CA ALA D 213 -27.71 6.30 12.33
C ALA D 213 -26.91 5.52 11.29
N ARG D 214 -27.51 5.29 10.11
CA ARG D 214 -26.81 4.58 9.05
C ARG D 214 -25.70 5.39 8.42
N SER D 215 -25.64 6.70 8.67
CA SER D 215 -24.61 7.55 8.13
C SER D 215 -23.40 7.71 9.05
N LEU D 216 -23.48 7.21 10.27
CA LEU D 216 -22.37 7.28 11.20
C LEU D 216 -21.17 6.51 10.64
N PRO D 217 -20.01 7.14 10.49
CA PRO D 217 -18.87 6.44 9.88
C PRO D 217 -18.48 5.17 10.61
N ALA D 218 -18.54 5.16 11.95
CA ALA D 218 -18.16 3.97 12.69
C ALA D 218 -19.17 2.83 12.49
N TYR D 219 -20.45 3.15 12.31
CA TYR D 219 -21.43 2.10 12.05
C TYR D 219 -21.24 1.51 10.66
N ILE D 220 -20.98 2.36 9.66
CA ILE D 220 -20.69 1.87 8.31
C ILE D 220 -19.48 0.94 8.34
N ALA D 221 -18.43 1.34 9.06
CA ALA D 221 -17.24 0.51 9.16
C ALA D 221 -17.54 -0.80 9.87
N LEU D 222 -18.40 -0.77 10.89
CA LEU D 222 -18.76 -1.99 11.61
C LEU D 222 -19.56 -2.92 10.72
N ARG D 223 -20.55 -2.38 10.01
CA ARG D 223 -21.36 -3.20 9.11
C ARG D 223 -20.52 -3.76 7.96
N ASN D 224 -19.62 -2.95 7.41
CA ASN D 224 -18.76 -3.42 6.33
C ASN D 224 -17.78 -4.48 6.82
N ALA D 225 -17.24 -4.32 8.03
CA ALA D 225 -16.25 -5.27 8.53
C ALA D 225 -16.87 -6.64 8.80
N VAL D 226 -18.09 -6.65 9.36
CA VAL D 226 -18.80 -7.91 9.55
C VAL D 226 -19.04 -8.59 8.20
N THR D 227 -19.36 -7.81 7.17
CA THR D 227 -19.56 -8.37 5.85
C THR D 227 -18.24 -8.88 5.26
N ASP D 228 -17.17 -8.10 5.38
CA ASP D 228 -15.88 -8.51 4.82
C ASP D 228 -15.38 -9.77 5.50
N HIS D 229 -15.58 -9.89 6.82
CA HIS D 229 -15.16 -11.10 7.51
C HIS D 229 -15.94 -12.32 7.04
N SER D 230 -17.21 -12.14 6.68
CA SER D 230 -18.00 -13.26 6.17
C SER D 230 -17.56 -13.65 4.76
N GLY D 231 -17.26 -12.67 3.92
CA GLY D 231 -16.84 -12.97 2.56
C GLY D 231 -15.49 -13.65 2.52
N LEU D 232 -14.52 -13.13 3.28
CA LEU D 232 -13.18 -13.71 3.26
C LEU D 232 -13.17 -15.09 3.91
N CYS D 233 -13.87 -15.26 5.04
CA CYS D 233 -13.97 -16.56 5.68
C CYS D 233 -14.62 -17.58 4.76
N ASN D 234 -15.60 -17.15 3.95
CA ASN D 234 -16.19 -18.04 2.96
C ASN D 234 -15.18 -18.44 1.90
N ASP D 235 -14.40 -17.47 1.41
CA ASP D 235 -13.42 -17.76 0.37
C ASP D 235 -12.30 -18.66 0.88
N ILE D 236 -11.95 -18.53 2.16
CA ILE D 236 -10.87 -19.34 2.71
C ILE D 236 -11.28 -20.80 2.83
N CYS D 237 -12.48 -21.06 3.35
CA CYS D 237 -12.96 -22.42 3.53
C CYS D 237 -13.46 -23.06 2.24
N SER D 238 -13.70 -22.28 1.19
CA SER D 238 -14.13 -22.79 -0.11
C SER D 238 -13.00 -22.68 -1.14
N PHE D 239 -11.76 -22.93 -0.70
CA PHE D 239 -10.60 -22.78 -1.56
C PHE D 239 -10.39 -23.95 -2.51
N GLU D 240 -11.09 -25.06 -2.30
CA GLU D 240 -10.96 -26.23 -3.17
C GLU D 240 -11.66 -26.00 -4.50
N HIS D 249 -14.47 -15.11 -8.57
CA HIS D 249 -13.14 -15.61 -8.21
C HIS D 249 -13.01 -15.78 -6.71
N ASN D 250 -11.88 -16.31 -6.27
CA ASN D 250 -11.59 -16.54 -4.87
C ASN D 250 -10.57 -15.52 -4.38
N ALA D 251 -10.80 -14.98 -3.19
CA ALA D 251 -9.87 -14.01 -2.62
C ALA D 251 -8.52 -14.63 -2.32
N VAL D 252 -8.49 -15.95 -2.05
CA VAL D 252 -7.23 -16.61 -1.79
C VAL D 252 -6.47 -16.87 -3.09
N ARG D 253 -7.19 -17.16 -4.18
CA ARG D 253 -6.56 -17.28 -5.48
C ARG D 253 -5.95 -15.94 -5.92
N LEU D 254 -6.67 -14.84 -5.66
CA LEU D 254 -6.14 -13.53 -6.00
C LEU D 254 -4.88 -13.21 -5.21
N ILE D 255 -4.79 -13.69 -3.97
CA ILE D 255 -3.56 -13.53 -3.20
C ILE D 255 -2.42 -14.33 -3.84
N GLN D 256 -2.71 -15.56 -4.27
CA GLN D 256 -1.72 -16.35 -4.98
C GLN D 256 -1.34 -15.70 -6.30
N ARG D 257 -2.27 -14.95 -6.91
CA ARG D 257 -1.97 -14.22 -8.14
C ARG D 257 -1.14 -12.97 -7.86
N ASP D 258 -1.46 -12.25 -6.79
CA ASP D 258 -0.79 -10.99 -6.51
C ASP D 258 0.65 -11.22 -6.06
N ARG D 259 0.87 -12.21 -5.19
CA ARG D 259 2.19 -12.42 -4.61
C ARG D 259 2.94 -13.60 -5.25
N GLY D 260 2.29 -14.38 -6.10
CA GLY D 260 2.95 -15.53 -6.70
C GLY D 260 3.34 -16.61 -5.70
N SER D 261 2.61 -16.70 -4.59
CA SER D 261 2.92 -17.67 -3.54
C SER D 261 2.43 -19.06 -3.94
N THR D 262 2.64 -20.02 -3.04
CA THR D 262 2.17 -21.38 -3.25
C THR D 262 0.71 -21.48 -2.79
N LEU D 263 0.18 -22.70 -2.81
CA LEU D 263 -1.21 -22.91 -2.42
C LEU D 263 -1.40 -22.70 -0.93
N GLN D 264 -0.47 -23.21 -0.11
CA GLN D 264 -0.57 -23.07 1.33
C GLN D 264 -0.20 -21.67 1.81
N GLU D 265 0.81 -21.06 1.18
CA GLU D 265 1.22 -19.72 1.58
C GLU D 265 0.12 -18.69 1.34
N ALA D 266 -0.72 -18.91 0.32
CA ALA D 266 -1.83 -18.00 0.08
C ALA D 266 -2.93 -18.16 1.13
N VAL D 267 -3.10 -19.38 1.66
CA VAL D 267 -4.11 -19.60 2.69
C VAL D 267 -3.72 -18.92 3.99
N ASP D 268 -2.44 -18.97 4.35
CA ASP D 268 -1.98 -18.33 5.58
C ASP D 268 -2.06 -16.81 5.45
N GLU D 269 -1.69 -16.27 4.29
CA GLU D 269 -1.81 -14.82 4.08
C GLU D 269 -3.26 -14.39 4.16
N ALA D 270 -4.18 -15.19 3.60
CA ALA D 270 -5.60 -14.88 3.72
C ALA D 270 -6.05 -14.95 5.17
N GLY D 271 -5.55 -15.93 5.93
CA GLY D 271 -5.89 -16.01 7.34
C GLY D 271 -5.39 -14.83 8.13
N ILE D 272 -4.25 -14.27 7.74
CA ILE D 272 -3.75 -13.07 8.41
C ILE D 272 -4.63 -11.88 8.08
N GLN D 273 -5.06 -11.76 6.82
CA GLN D 273 -5.94 -10.66 6.44
C GLN D 273 -7.28 -10.74 7.16
N LEU D 274 -7.77 -11.96 7.41
CA LEU D 274 -9.01 -12.11 8.16
C LEU D 274 -8.86 -11.63 9.60
N ALA D 275 -7.65 -11.75 10.16
CA ALA D 275 -7.40 -11.24 11.50
C ALA D 275 -7.46 -9.72 11.53
N ARG D 276 -7.00 -9.07 10.45
CA ARG D 276 -7.12 -7.62 10.36
C ARG D 276 -8.58 -7.18 10.31
N ILE D 277 -9.42 -7.96 9.64
CA ILE D 277 -10.84 -7.63 9.55
C ILE D 277 -11.50 -7.77 10.91
N ALA D 278 -11.16 -8.83 11.65
CA ALA D 278 -11.69 -8.99 13.00
C ALA D 278 -11.23 -7.87 13.92
N GLU D 279 -10.01 -7.34 13.68
CA GLU D 279 -9.55 -6.19 14.43
C GLU D 279 -10.35 -4.95 14.07
N ARG D 280 -10.75 -4.82 12.81
CA ARG D 280 -11.57 -3.69 12.38
C ARG D 280 -12.95 -3.73 13.02
N VAL D 281 -13.46 -4.93 13.30
CA VAL D 281 -14.73 -5.03 14.02
C VAL D 281 -14.60 -4.46 15.42
N GLN D 282 -13.50 -4.78 16.10
CA GLN D 282 -13.32 -4.30 17.47
C GLN D 282 -13.10 -2.79 17.52
N ARG D 283 -12.38 -2.24 16.53
CA ARG D 283 -12.18 -0.80 16.51
C ARG D 283 -13.49 -0.07 16.21
N ALA D 284 -14.28 -0.59 15.28
CA ALA D 284 -15.54 0.06 14.92
C ALA D 284 -16.52 0.05 16.08
N GLU D 285 -16.50 -1.00 16.90
CA GLU D 285 -17.34 -1.03 18.09
C GLU D 285 -16.95 0.08 19.05
N ARG D 286 -15.65 0.34 19.22
CA ARG D 286 -15.19 1.39 20.10
C ARG D 286 -15.55 2.76 19.56
N GLU D 287 -15.30 2.98 18.27
CA GLU D 287 -15.58 4.28 17.67
C GLU D 287 -17.08 4.56 17.58
N LEU D 288 -17.90 3.51 17.49
CA LEU D 288 -19.34 3.72 17.46
C LEU D 288 -19.87 4.15 18.82
N ILE D 289 -19.32 3.57 19.90
CA ILE D 289 -19.71 4.01 21.24
C ILE D 289 -19.30 5.46 21.45
N GLU D 290 -18.09 5.82 21.03
CA GLU D 290 -17.63 7.20 21.17
C GLU D 290 -18.47 8.17 20.34
N GLU D 291 -18.99 7.71 19.19
CA GLU D 291 -19.86 8.58 18.40
C GLU D 291 -21.24 8.72 19.02
N ILE D 292 -21.72 7.70 19.73
CA ILE D 292 -23.01 7.79 20.39
C ILE D 292 -22.95 8.80 21.53
N GLU D 293 -21.86 8.78 22.31
CA GLU D 293 -21.72 9.71 23.43
C GLU D 293 -21.41 11.12 22.96
N ALA D 294 -20.65 11.26 21.88
CA ALA D 294 -20.29 12.60 21.39
C ALA D 294 -21.48 13.28 20.73
N ALA D 295 -22.27 12.52 19.96
CA ALA D 295 -23.42 13.09 19.26
C ALA D 295 -24.66 13.17 20.13
N GLY D 296 -24.58 12.80 21.40
CA GLY D 296 -25.75 12.82 22.27
C GLY D 296 -26.85 11.89 21.81
N ILE D 297 -26.50 10.74 21.23
CA ILE D 297 -27.50 9.82 20.74
C ILE D 297 -28.15 9.10 21.91
N ASP D 298 -29.47 9.10 21.94
CA ASP D 298 -30.22 8.46 23.01
C ASP D 298 -31.50 7.86 22.44
N GLY D 299 -32.31 7.27 23.33
CA GLY D 299 -33.60 6.76 22.97
C GLY D 299 -33.52 5.49 22.12
N PRO D 300 -34.51 5.30 21.25
CA PRO D 300 -34.51 4.08 20.41
C PRO D 300 -33.30 3.96 19.50
N THR D 301 -32.78 5.08 19.00
CA THR D 301 -31.64 5.03 18.10
C THR D 301 -30.40 4.49 18.80
N ARG D 302 -30.12 5.00 20.01
CA ARG D 302 -29.00 4.47 20.78
C ARG D 302 -29.22 3.02 21.14
N THR D 303 -30.45 2.66 21.50
CA THR D 303 -30.76 1.26 21.79
C THR D 303 -30.51 0.39 20.56
N ALA D 304 -30.86 0.89 19.38
CA ALA D 304 -30.64 0.12 18.15
C ALA D 304 -29.16 -0.01 17.85
N LEU D 305 -28.39 1.07 18.01
CA LEU D 305 -26.96 1.02 17.75
C LEU D 305 -26.24 0.14 18.76
N GLU D 306 -26.60 0.25 20.04
CA GLU D 306 -25.97 -0.59 21.06
C GLU D 306 -26.30 -2.06 20.85
N ARG D 307 -27.49 -2.36 20.31
CA ARG D 307 -27.82 -3.74 19.97
C ARG D 307 -26.90 -4.27 18.88
N CYS D 308 -26.62 -3.45 17.86
CA CYS D 308 -25.71 -3.88 16.81
C CYS D 308 -24.30 -4.09 17.33
N VAL D 309 -23.85 -3.22 18.24
CA VAL D 309 -22.53 -3.38 18.85
C VAL D 309 -22.45 -4.72 19.58
N ARG D 310 -23.56 -5.14 20.21
CA ARG D 310 -23.55 -6.38 20.96
C ARG D 310 -23.72 -7.60 20.07
N ASP D 311 -24.49 -7.48 18.99
CA ASP D 311 -24.87 -8.65 18.19
C ASP D 311 -23.94 -8.93 17.02
N TYR D 312 -23.23 -7.92 16.50
CA TYR D 312 -22.41 -8.13 15.32
C TYR D 312 -21.19 -9.00 15.62
N ARG D 313 -20.71 -9.01 16.87
CA ARG D 313 -19.69 -9.97 17.27
C ARG D 313 -20.16 -11.40 17.05
N GLY D 314 -21.36 -11.72 17.51
CA GLY D 314 -21.89 -13.06 17.37
C GLY D 314 -22.16 -13.45 15.94
N LEU D 315 -22.56 -12.50 15.11
CA LEU D 315 -22.75 -12.79 13.69
C LEU D 315 -21.45 -13.21 13.04
N VAL D 316 -20.35 -12.51 13.36
CA VAL D 316 -19.05 -12.88 12.81
C VAL D 316 -18.65 -14.27 13.27
N ARG D 317 -18.79 -14.53 14.57
CA ARG D 317 -18.44 -15.84 15.13
C ARG D 317 -19.35 -16.93 14.57
N GLY D 318 -20.66 -16.68 14.57
CA GLY D 318 -21.59 -17.67 14.04
C GLY D 318 -21.34 -17.97 12.57
N ASP D 319 -21.09 -16.93 11.77
CA ASP D 319 -20.72 -17.14 10.39
C ASP D 319 -19.37 -17.85 10.29
N PHE D 320 -18.44 -17.52 11.19
CA PHE D 320 -17.14 -18.19 11.19
C PHE D 320 -17.28 -19.66 11.58
N ASP D 321 -18.15 -19.96 12.55
CA ASP D 321 -18.33 -21.36 12.96
C ASP D 321 -18.96 -22.19 11.86
N TYR D 322 -19.83 -21.59 11.05
CA TYR D 322 -20.47 -22.33 9.97
C TYR D 322 -19.46 -22.71 8.88
N HIS D 323 -18.71 -21.73 8.38
CA HIS D 323 -17.78 -22.00 7.29
C HIS D 323 -16.63 -22.89 7.74
N ALA D 324 -16.08 -22.63 8.93
CA ALA D 324 -14.90 -23.36 9.38
C ALA D 324 -15.22 -24.69 10.05
N ARG D 325 -16.48 -24.93 10.40
CA ARG D 325 -16.86 -26.18 11.05
C ARG D 325 -18.07 -26.81 10.36
#